data_1T1R
#
_entry.id   1T1R
#
_cell.length_a   182.381
_cell.length_b   59.042
_cell.length_c   86.978
_cell.angle_alpha   90.00
_cell.angle_beta   90.00
_cell.angle_gamma   90.00
#
_symmetry.space_group_name_H-M   'P 21 21 2'
#
loop_
_entity.id
_entity.type
_entity.pdbx_description
1 polymer '1-deoxy-D-xylulose 5-phosphate reductoisomerase'
2 non-polymer 'SULFATE ION'
3 non-polymer '[(ISOQUINOLIN-1-YLAMINO)-PHOSPHONO-METHYL]-PHOSPHONIC ACID'
4 water water
#
_entity_poly.entity_id   1
_entity_poly.type   'polypeptide(L)'
_entity_poly.pdbx_seq_one_letter_code
;GKQLTILGSTGSIGCSTLDVVRHNPEHFRVVALVAGKNVTRMVEQCLEFSPRYAVMDDEASAKLLKTMLQQQGSRTEVLS
GQQAACDMAALEDVDQVMAAIVGAAGLLPTLAAIRAGKTILLANKESLVTCGRLFMDAVKQSKAQLLPVDSEHNAIFQSL
PQPIQHNLGYADLEQNGVVSILLTGSGGPFRETPLRDLATMTPDQACRHPNWSMGRKISVDSATMMNKGLEYIEARWLFN
ASASQMEVLIHPQSVIHSMVRYQDGSVLAQLGEPDMRTPIAHTMAWPNRVNSGVKPLDFCKLSALTFAAPDYDRYPCLKL
AMEAFEQGQAATTALNAANEITVAAFLAQQIRFTDIAALNLSVLEKMDMREPQCVDDVLSVDANAREVARKEVMRLAS
;
_entity_poly.pdbx_strand_id   A,B
#
loop_
_chem_comp.id
_chem_comp.type
_chem_comp.name
_chem_comp.formula
IMB non-polymer '[(ISOQUINOLIN-1-YLAMINO)-PHOSPHONO-METHYL]-PHOSPHONIC ACID' 'C10 H12 N2 O6 P2'
SO4 non-polymer 'SULFATE ION' 'O4 S -2'
#
# COMPACT_ATOMS: atom_id res chain seq x y z
N GLY A 1 -26.22 4.67 11.31
CA GLY A 1 -24.90 5.26 10.97
C GLY A 1 -24.95 6.03 9.66
N LYS A 2 -24.85 5.31 8.54
CA LYS A 2 -24.91 5.96 7.25
C LYS A 2 -26.18 5.60 6.51
N GLN A 3 -26.85 6.61 5.96
CA GLN A 3 -28.08 6.43 5.19
C GLN A 3 -27.65 6.35 3.74
N LEU A 4 -28.11 5.34 3.01
CA LEU A 4 -27.70 5.28 1.62
C LEU A 4 -28.75 4.93 0.60
N THR A 5 -28.48 5.35 -0.63
CA THR A 5 -29.32 5.07 -1.78
C THR A 5 -28.45 4.19 -2.66
N ILE A 6 -29.07 3.17 -3.26
CA ILE A 6 -28.36 2.26 -4.12
C ILE A 6 -28.95 2.31 -5.52
N LEU A 7 -28.21 2.91 -6.44
CA LEU A 7 -28.60 3.02 -7.85
C LEU A 7 -28.19 1.71 -8.54
N GLY A 8 -29.18 0.92 -8.94
CA GLY A 8 -28.89 -0.36 -9.58
C GLY A 8 -28.66 -1.40 -8.50
N SER A 9 -29.66 -1.57 -7.64
CA SER A 9 -29.55 -2.52 -6.53
C SER A 9 -29.67 -3.99 -6.92
N THR A 10 -30.36 -4.28 -8.02
CA THR A 10 -30.53 -5.67 -8.41
C THR A 10 -29.35 -6.26 -9.18
N GLY A 11 -28.41 -5.42 -9.56
CA GLY A 11 -27.25 -5.94 -10.29
C GLY A 11 -26.25 -6.63 -9.38
N SER A 12 -25.09 -6.95 -9.93
CA SER A 12 -24.03 -7.59 -9.16
C SER A 12 -23.48 -6.69 -8.04
N ILE A 13 -23.03 -5.49 -8.39
CA ILE A 13 -22.49 -4.56 -7.40
C ILE A 13 -23.54 -4.27 -6.33
N GLY A 14 -24.77 -4.03 -6.75
CA GLY A 14 -25.85 -3.74 -5.82
C GLY A 14 -26.02 -4.84 -4.78
N CYS A 15 -26.01 -6.10 -5.20
CA CYS A 15 -26.17 -7.20 -4.28
C CYS A 15 -24.98 -7.30 -3.33
N SER A 16 -23.78 -7.13 -3.86
CA SER A 16 -22.59 -7.21 -3.04
C SER A 16 -22.66 -6.13 -1.96
N THR A 17 -23.25 -4.98 -2.33
CA THR A 17 -23.38 -3.88 -1.41
C THR A 17 -24.33 -4.24 -0.26
N LEU A 18 -25.47 -4.86 -0.57
CA LEU A 18 -26.41 -5.24 0.48
C LEU A 18 -25.83 -6.32 1.38
N ASP A 19 -24.95 -7.16 0.83
CA ASP A 19 -24.33 -8.21 1.64
C ASP A 19 -23.42 -7.56 2.69
N VAL A 20 -22.76 -6.46 2.30
CA VAL A 20 -21.89 -5.75 3.22
C VAL A 20 -22.79 -5.11 4.29
N VAL A 21 -23.96 -4.64 3.87
CA VAL A 21 -24.93 -4.04 4.79
C VAL A 21 -25.45 -5.12 5.73
N ARG A 22 -25.78 -6.28 5.16
CA ARG A 22 -26.27 -7.41 5.94
C ARG A 22 -25.21 -7.79 6.98
N HIS A 23 -23.94 -7.53 6.66
CA HIS A 23 -22.81 -7.81 7.54
C HIS A 23 -22.58 -6.71 8.59
N ASN A 24 -23.19 -5.54 8.38
CA ASN A 24 -23.01 -4.43 9.33
C ASN A 24 -24.32 -3.67 9.57
N PRO A 25 -25.35 -4.34 10.09
CA PRO A 25 -26.67 -3.75 10.36
C PRO A 25 -26.62 -2.41 11.06
N GLU A 26 -25.82 -2.34 12.12
CA GLU A 26 -25.69 -1.12 12.91
C GLU A 26 -24.97 0.03 12.23
N HIS A 27 -24.32 -0.21 11.09
CA HIS A 27 -23.60 0.86 10.43
C HIS A 27 -24.28 1.48 9.22
N PHE A 28 -25.12 0.72 8.53
CA PHE A 28 -25.77 1.25 7.33
C PHE A 28 -27.26 1.00 7.28
N ARG A 29 -28.00 2.02 6.85
CA ARG A 29 -29.43 1.89 6.71
C ARG A 29 -29.78 2.25 5.27
N VAL A 30 -30.47 1.33 4.61
CA VAL A 30 -30.89 1.52 3.23
C VAL A 30 -32.15 2.40 3.16
N VAL A 31 -32.00 3.60 2.60
CA VAL A 31 -33.12 4.52 2.47
C VAL A 31 -33.84 4.28 1.16
N ALA A 32 -33.10 3.99 0.10
CA ALA A 32 -33.71 3.79 -1.21
C ALA A 32 -32.96 2.83 -2.12
N LEU A 33 -33.74 2.01 -2.82
CA LEU A 33 -33.22 1.03 -3.76
C LEU A 33 -33.79 1.39 -5.13
N VAL A 34 -32.92 1.49 -6.13
CA VAL A 34 -33.35 1.81 -7.50
C VAL A 34 -32.87 0.71 -8.45
N ALA A 35 -33.74 0.27 -9.34
CA ALA A 35 -33.38 -0.78 -10.30
C ALA A 35 -34.10 -0.63 -11.64
N GLY A 36 -33.92 -1.61 -12.51
CA GLY A 36 -34.54 -1.56 -13.82
C GLY A 36 -35.89 -2.23 -13.92
N LYS A 37 -35.90 -3.52 -14.25
CA LYS A 37 -37.15 -4.26 -14.39
C LYS A 37 -37.17 -5.57 -13.59
N ASN A 38 -36.06 -5.87 -12.91
CA ASN A 38 -35.94 -7.09 -12.12
C ASN A 38 -36.78 -7.00 -10.84
N VAL A 39 -38.09 -6.95 -11.01
CA VAL A 39 -38.99 -6.83 -9.86
C VAL A 39 -38.80 -7.94 -8.84
N THR A 40 -38.47 -9.14 -9.32
CA THR A 40 -38.29 -10.29 -8.44
C THR A 40 -37.29 -10.02 -7.31
N ARG A 41 -36.09 -9.56 -7.66
CA ARG A 41 -35.06 -9.27 -6.67
C ARG A 41 -35.42 -8.03 -5.85
N MET A 42 -35.99 -7.04 -6.52
CA MET A 42 -36.36 -5.82 -5.81
C MET A 42 -37.29 -6.14 -4.64
N VAL A 43 -38.08 -7.19 -4.78
CA VAL A 43 -39.00 -7.61 -3.73
C VAL A 43 -38.24 -8.11 -2.51
N GLU A 44 -37.38 -9.10 -2.71
CA GLU A 44 -36.58 -9.67 -1.63
C GLU A 44 -35.73 -8.60 -0.94
N GLN A 45 -35.11 -7.73 -1.74
CA GLN A 45 -34.28 -6.68 -1.19
C GLN A 45 -35.13 -5.74 -0.33
N CYS A 46 -36.30 -5.35 -0.83
CA CYS A 46 -37.19 -4.45 -0.09
C CYS A 46 -37.67 -5.11 1.20
N LEU A 47 -37.95 -6.40 1.13
CA LEU A 47 -38.40 -7.12 2.31
C LEU A 47 -37.30 -7.19 3.36
N GLU A 48 -36.10 -7.55 2.92
CA GLU A 48 -34.97 -7.67 3.82
C GLU A 48 -34.42 -6.38 4.40
N PHE A 49 -34.39 -5.31 3.60
CA PHE A 49 -33.82 -4.05 4.08
C PHE A 49 -34.79 -2.92 4.38
N SER A 50 -36.08 -3.16 4.14
CA SER A 50 -37.11 -2.16 4.42
C SER A 50 -36.75 -0.74 3.98
N PRO A 51 -36.41 -0.56 2.71
CA PRO A 51 -36.08 0.81 2.29
C PRO A 51 -37.32 1.69 2.40
N ARG A 52 -37.15 2.99 2.30
CA ARG A 52 -38.29 3.89 2.36
C ARG A 52 -38.89 4.01 0.97
N TYR A 53 -38.02 4.02 -0.03
CA TYR A 53 -38.46 4.13 -1.41
C TYR A 53 -37.82 3.05 -2.27
N ALA A 54 -38.43 2.83 -3.42
CA ALA A 54 -37.95 1.85 -4.40
C ALA A 54 -38.49 2.34 -5.74
N VAL A 55 -37.63 2.39 -6.75
CA VAL A 55 -38.09 2.83 -8.06
C VAL A 55 -37.60 1.85 -9.13
N MET A 56 -38.45 1.67 -10.14
CA MET A 56 -38.16 0.77 -11.24
C MET A 56 -38.17 1.56 -12.54
N ASP A 57 -37.57 0.99 -13.58
CA ASP A 57 -37.47 1.63 -14.89
C ASP A 57 -38.79 2.19 -15.39
N ASP A 58 -39.78 1.33 -15.59
CA ASP A 58 -41.08 1.77 -16.08
C ASP A 58 -42.24 1.56 -15.12
N GLU A 59 -43.32 2.29 -15.37
CA GLU A 59 -44.52 2.23 -14.56
C GLU A 59 -45.09 0.82 -14.43
N ALA A 60 -44.98 0.03 -15.50
CA ALA A 60 -45.49 -1.33 -15.47
C ALA A 60 -44.75 -2.10 -14.39
N SER A 61 -43.44 -2.19 -14.55
CA SER A 61 -42.58 -2.88 -13.61
C SER A 61 -42.81 -2.40 -12.17
N ALA A 62 -43.04 -1.10 -12.02
CA ALA A 62 -43.28 -0.50 -10.70
C ALA A 62 -44.67 -0.88 -10.20
N LYS A 63 -45.65 -0.83 -11.09
CA LYS A 63 -47.02 -1.18 -10.75
C LYS A 63 -47.06 -2.57 -10.16
N LEU A 64 -46.33 -3.49 -10.80
CA LEU A 64 -46.28 -4.87 -10.32
C LEU A 64 -45.57 -4.99 -8.98
N LEU A 65 -44.51 -4.20 -8.80
CA LEU A 65 -43.74 -4.22 -7.56
C LEU A 65 -44.59 -3.71 -6.41
N LYS A 66 -45.33 -2.63 -6.66
CA LYS A 66 -46.18 -2.03 -5.63
C LYS A 66 -47.17 -3.06 -5.08
N THR A 67 -47.78 -3.81 -5.99
CA THR A 67 -48.74 -4.84 -5.63
C THR A 67 -48.15 -5.91 -4.72
N MET A 68 -47.00 -6.46 -5.14
CA MET A 68 -46.36 -7.51 -4.37
C MET A 68 -45.88 -7.00 -3.01
N LEU A 69 -45.42 -5.76 -2.97
CA LEU A 69 -44.94 -5.19 -1.71
C LEU A 69 -46.12 -5.05 -0.76
N GLN A 70 -47.26 -4.60 -1.29
CA GLN A 70 -48.48 -4.43 -0.49
C GLN A 70 -48.93 -5.83 -0.04
N GLN A 71 -49.07 -6.73 -1.01
CA GLN A 71 -49.49 -8.09 -0.75
C GLN A 71 -48.56 -8.84 0.23
N GLN A 72 -47.29 -8.48 0.25
CA GLN A 72 -46.33 -9.14 1.14
C GLN A 72 -46.18 -8.41 2.46
N GLY A 73 -46.92 -7.32 2.62
CA GLY A 73 -46.86 -6.57 3.87
C GLY A 73 -45.77 -5.53 3.99
N SER A 74 -45.13 -5.20 2.87
CA SER A 74 -44.06 -4.20 2.85
C SER A 74 -44.61 -2.77 2.83
N ARG A 75 -43.94 -1.87 3.55
CA ARG A 75 -44.39 -0.49 3.61
C ARG A 75 -43.66 0.44 2.62
N THR A 76 -42.62 -0.06 1.95
CA THR A 76 -41.87 0.77 1.02
C THR A 76 -42.77 1.41 -0.06
N GLU A 77 -42.48 2.66 -0.39
CA GLU A 77 -43.26 3.36 -1.41
C GLU A 77 -42.61 3.19 -2.78
N VAL A 78 -43.42 2.85 -3.79
CA VAL A 78 -42.91 2.62 -5.13
C VAL A 78 -43.00 3.80 -6.10
N LEU A 79 -41.92 4.03 -6.83
CA LEU A 79 -41.85 5.09 -7.81
C LEU A 79 -41.29 4.51 -9.11
N SER A 80 -41.34 5.29 -10.17
CA SER A 80 -40.81 4.83 -11.45
C SER A 80 -40.30 6.04 -12.24
N GLY A 81 -39.40 5.79 -13.19
CA GLY A 81 -38.89 6.88 -14.00
C GLY A 81 -37.50 7.35 -13.62
N GLN A 82 -36.83 7.99 -14.58
CA GLN A 82 -35.48 8.50 -14.37
C GLN A 82 -35.44 9.64 -13.37
N GLN A 83 -36.44 10.51 -13.42
CA GLN A 83 -36.47 11.63 -12.51
C GLN A 83 -36.60 11.17 -11.07
N ALA A 84 -37.36 10.11 -10.84
CA ALA A 84 -37.53 9.57 -9.49
C ALA A 84 -36.19 8.93 -9.09
N ALA A 85 -35.53 8.34 -10.07
CA ALA A 85 -34.24 7.70 -9.85
C ALA A 85 -33.25 8.76 -9.40
N CYS A 86 -33.28 9.91 -10.07
CA CYS A 86 -32.40 11.01 -9.71
C CYS A 86 -32.78 11.59 -8.35
N ASP A 87 -34.07 11.64 -8.06
CA ASP A 87 -34.52 12.18 -6.78
C ASP A 87 -34.00 11.39 -5.60
N MET A 88 -33.85 10.09 -5.78
CA MET A 88 -33.37 9.23 -4.69
C MET A 88 -31.90 9.46 -4.39
N ALA A 89 -31.15 9.86 -5.42
CA ALA A 89 -29.73 10.12 -5.29
C ALA A 89 -29.50 11.48 -4.62
N ALA A 90 -30.55 12.30 -4.57
CA ALA A 90 -30.46 13.62 -3.99
C ALA A 90 -31.25 13.81 -2.68
N LEU A 91 -31.80 12.73 -2.13
CA LEU A 91 -32.56 12.83 -0.89
C LEU A 91 -31.73 13.50 0.21
N GLU A 92 -32.30 14.51 0.84
CA GLU A 92 -31.65 15.28 1.90
C GLU A 92 -31.05 14.44 3.05
N ASP A 93 -31.73 13.36 3.41
CA ASP A 93 -31.28 12.50 4.51
C ASP A 93 -30.33 11.37 4.09
N VAL A 94 -29.85 11.41 2.84
CA VAL A 94 -28.94 10.39 2.37
C VAL A 94 -27.50 10.84 2.45
N ASP A 95 -26.66 9.95 2.97
CA ASP A 95 -25.24 10.23 3.13
C ASP A 95 -24.44 9.74 1.92
N GLN A 96 -24.60 8.47 1.61
CA GLN A 96 -23.87 7.85 0.51
C GLN A 96 -24.79 7.28 -0.53
N VAL A 97 -24.38 7.43 -1.79
CA VAL A 97 -25.15 6.89 -2.88
C VAL A 97 -24.27 5.99 -3.71
N MET A 98 -24.57 4.69 -3.62
CA MET A 98 -23.85 3.68 -4.38
C MET A 98 -24.35 3.84 -5.82
N ALA A 99 -23.52 4.44 -6.66
CA ALA A 99 -23.88 4.66 -8.06
C ALA A 99 -23.49 3.45 -8.91
N ALA A 100 -24.38 2.47 -9.00
CA ALA A 100 -24.10 1.26 -9.78
C ALA A 100 -24.98 1.06 -11.03
N ILE A 101 -25.62 2.11 -11.53
CA ILE A 101 -26.38 1.95 -12.76
C ILE A 101 -25.37 2.26 -13.86
N VAL A 102 -25.24 1.34 -14.81
CA VAL A 102 -24.27 1.50 -15.90
C VAL A 102 -24.84 2.08 -17.19
N GLY A 103 -23.96 2.53 -18.07
CA GLY A 103 -24.35 3.07 -19.35
C GLY A 103 -24.88 4.50 -19.33
N ALA A 104 -25.48 4.91 -20.44
CA ALA A 104 -26.06 6.24 -20.59
C ALA A 104 -27.00 6.54 -19.43
N ALA A 105 -27.72 5.53 -18.97
CA ALA A 105 -28.62 5.71 -17.84
C ALA A 105 -27.68 5.81 -16.64
N GLY A 106 -28.17 6.22 -15.49
CA GLY A 106 -27.25 6.32 -14.36
C GLY A 106 -26.31 7.51 -14.47
N LEU A 107 -26.25 8.14 -15.64
CA LEU A 107 -25.42 9.31 -15.82
C LEU A 107 -26.06 10.45 -15.03
N LEU A 108 -27.32 10.76 -15.33
CA LEU A 108 -28.04 11.81 -14.64
C LEU A 108 -28.23 11.47 -13.16
N PRO A 109 -28.46 10.20 -12.83
CA PRO A 109 -28.63 9.89 -11.41
C PRO A 109 -27.34 10.11 -10.61
N THR A 110 -26.19 9.77 -11.19
CA THR A 110 -24.96 9.99 -10.43
C THR A 110 -24.65 11.49 -10.40
N LEU A 111 -25.00 12.21 -11.46
CA LEU A 111 -24.75 13.64 -11.49
C LEU A 111 -25.67 14.30 -10.47
N ALA A 112 -26.83 13.70 -10.24
CA ALA A 112 -27.79 14.22 -9.28
C ALA A 112 -27.16 14.15 -7.88
N ALA A 113 -26.49 13.04 -7.58
CA ALA A 113 -25.88 12.86 -6.28
C ALA A 113 -24.68 13.79 -6.10
N ILE A 114 -23.95 14.05 -7.17
CA ILE A 114 -22.81 14.94 -7.12
C ILE A 114 -23.35 16.35 -6.84
N ARG A 115 -24.34 16.76 -7.63
CA ARG A 115 -24.98 18.06 -7.50
C ARG A 115 -25.55 18.29 -6.09
N ALA A 116 -25.88 17.21 -5.39
CA ALA A 116 -26.43 17.31 -4.03
C ALA A 116 -25.33 17.24 -2.96
N GLY A 117 -24.07 17.17 -3.40
CA GLY A 117 -22.93 17.14 -2.50
C GLY A 117 -22.74 15.90 -1.64
N LYS A 118 -23.35 14.79 -2.03
CA LYS A 118 -23.23 13.58 -1.24
C LYS A 118 -21.98 12.77 -1.54
N THR A 119 -21.73 11.77 -0.72
CA THR A 119 -20.60 10.90 -0.91
C THR A 119 -21.02 9.87 -1.96
N ILE A 120 -20.35 9.87 -3.09
CA ILE A 120 -20.66 8.94 -4.17
C ILE A 120 -19.76 7.71 -4.23
N LEU A 121 -20.38 6.53 -4.15
CA LEU A 121 -19.65 5.27 -4.26
C LEU A 121 -19.71 5.01 -5.78
N LEU A 122 -18.70 5.47 -6.50
CA LEU A 122 -18.68 5.35 -7.95
C LEU A 122 -18.35 3.97 -8.49
N ALA A 123 -19.39 3.30 -8.98
CA ALA A 123 -19.26 1.97 -9.56
C ALA A 123 -19.93 2.07 -10.91
N ASN A 124 -19.62 3.15 -11.60
CA ASN A 124 -20.18 3.45 -12.90
C ASN A 124 -19.09 4.09 -13.75
N LYS A 125 -18.49 3.32 -14.64
CA LYS A 125 -17.41 3.83 -15.50
C LYS A 125 -17.87 4.89 -16.50
N GLU A 126 -19.10 4.74 -17.00
CA GLU A 126 -19.65 5.67 -17.97
C GLU A 126 -19.44 7.13 -17.57
N SER A 127 -19.67 7.45 -16.30
CA SER A 127 -19.51 8.81 -15.80
C SER A 127 -18.20 9.49 -16.19
N LEU A 128 -17.08 8.94 -15.73
CA LEU A 128 -15.78 9.51 -16.02
C LEU A 128 -15.30 9.28 -17.46
N VAL A 129 -15.75 8.20 -18.09
CA VAL A 129 -15.36 7.91 -19.47
C VAL A 129 -15.98 8.89 -20.46
N THR A 130 -17.26 9.23 -20.26
CA THR A 130 -17.95 10.13 -21.17
C THR A 130 -18.10 11.56 -20.65
N CYS A 131 -18.14 11.73 -19.33
CA CYS A 131 -18.30 13.05 -18.74
C CYS A 131 -17.19 13.43 -17.75
N GLY A 132 -16.02 12.84 -17.93
CA GLY A 132 -14.90 13.09 -17.04
C GLY A 132 -14.75 14.52 -16.55
N ARG A 133 -14.78 15.46 -17.49
CA ARG A 133 -14.61 16.88 -17.17
C ARG A 133 -15.84 17.49 -16.51
N LEU A 134 -17.01 17.28 -17.11
CA LEU A 134 -18.23 17.84 -16.54
C LEU A 134 -18.38 17.38 -15.09
N PHE A 135 -18.21 16.09 -14.87
CA PHE A 135 -18.35 15.53 -13.53
C PHE A 135 -17.32 16.00 -12.53
N MET A 136 -16.04 16.02 -12.89
CA MET A 136 -15.03 16.47 -11.94
C MET A 136 -15.22 17.95 -11.62
N ASP A 137 -15.69 18.73 -12.59
CA ASP A 137 -15.92 20.14 -12.32
C ASP A 137 -17.11 20.22 -11.35
N ALA A 138 -18.11 19.38 -11.60
CA ALA A 138 -19.28 19.34 -10.74
C ALA A 138 -18.95 18.92 -9.30
N VAL A 139 -18.17 17.85 -9.11
CA VAL A 139 -17.87 17.42 -7.75
C VAL A 139 -17.07 18.49 -7.02
N LYS A 140 -16.26 19.23 -7.78
CA LYS A 140 -15.46 20.31 -7.23
C LYS A 140 -16.38 21.46 -6.80
N GLN A 141 -17.40 21.73 -7.60
CA GLN A 141 -18.37 22.78 -7.28
C GLN A 141 -19.19 22.45 -6.03
N SER A 142 -19.77 21.26 -5.99
CA SER A 142 -20.61 20.86 -4.86
C SER A 142 -19.86 20.24 -3.70
N LYS A 143 -18.57 20.02 -3.85
CA LYS A 143 -17.80 19.41 -2.78
C LYS A 143 -18.28 17.99 -2.48
N ALA A 144 -18.75 17.28 -3.50
CA ALA A 144 -19.20 15.91 -3.32
C ALA A 144 -17.94 15.08 -3.16
N GLN A 145 -18.03 14.00 -2.41
CA GLN A 145 -16.88 13.13 -2.20
C GLN A 145 -16.99 11.84 -3.02
N LEU A 146 -16.08 11.68 -3.99
CA LEU A 146 -16.05 10.49 -4.83
C LEU A 146 -15.18 9.41 -4.22
N LEU A 147 -15.75 8.22 -4.10
CA LEU A 147 -15.04 7.06 -3.58
C LEU A 147 -15.18 6.00 -4.67
N PRO A 148 -14.10 5.76 -5.43
CA PRO A 148 -14.10 4.77 -6.52
C PRO A 148 -14.24 3.31 -6.06
N VAL A 149 -15.29 2.67 -6.55
CA VAL A 149 -15.61 1.28 -6.23
C VAL A 149 -14.88 0.27 -7.11
N ASP A 150 -14.65 0.65 -8.38
CA ASP A 150 -13.94 -0.19 -9.34
C ASP A 150 -12.63 -0.67 -8.70
N SER A 151 -12.33 -1.96 -8.84
CA SER A 151 -11.15 -2.58 -8.26
C SER A 151 -9.80 -1.84 -8.42
N GLU A 152 -9.48 -1.44 -9.64
CA GLU A 152 -8.23 -0.74 -9.93
C GLU A 152 -8.19 0.65 -9.30
N HIS A 153 -9.23 1.43 -9.54
CA HIS A 153 -9.31 2.78 -9.02
C HIS A 153 -9.38 2.78 -7.49
N ASN A 154 -10.08 1.81 -6.92
CA ASN A 154 -10.15 1.71 -5.46
C ASN A 154 -8.76 1.40 -4.90
N ALA A 155 -8.04 0.49 -5.54
CA ALA A 155 -6.70 0.13 -5.10
C ALA A 155 -5.79 1.36 -5.12
N ILE A 156 -5.92 2.16 -6.17
CA ILE A 156 -5.11 3.38 -6.31
C ILE A 156 -5.47 4.37 -5.18
N PHE A 157 -6.77 4.59 -4.98
CA PHE A 157 -7.25 5.47 -3.93
C PHE A 157 -6.65 5.03 -2.58
N GLN A 158 -6.73 3.74 -2.29
CA GLN A 158 -6.17 3.22 -1.03
C GLN A 158 -4.67 3.40 -0.92
N SER A 159 -3.99 3.57 -2.06
CA SER A 159 -2.55 3.72 -2.06
C SER A 159 -2.11 5.16 -2.20
N LEU A 160 -3.07 6.08 -2.15
CA LEU A 160 -2.80 7.51 -2.30
C LEU A 160 -2.79 8.18 -0.92
N PRO A 161 -1.97 9.23 -0.75
CA PRO A 161 -1.92 9.89 0.56
C PRO A 161 -3.25 10.55 0.91
N GLN A 162 -3.52 10.65 2.21
CA GLN A 162 -4.77 11.22 2.74
C GLN A 162 -5.23 12.55 2.11
N PRO A 163 -4.29 13.48 1.86
CA PRO A 163 -4.69 14.75 1.25
C PRO A 163 -5.32 14.61 -0.14
N ILE A 164 -4.89 13.60 -0.89
CA ILE A 164 -5.45 13.37 -2.23
C ILE A 164 -6.85 12.77 -2.09
N GLN A 165 -6.98 11.77 -1.22
CA GLN A 165 -8.25 11.10 -0.98
C GLN A 165 -9.39 12.04 -0.62
N HIS A 166 -9.14 12.99 0.27
CA HIS A 166 -10.17 13.93 0.70
C HIS A 166 -10.46 15.05 -0.30
N ASN A 167 -9.76 15.04 -1.43
CA ASN A 167 -9.95 16.06 -2.45
C ASN A 167 -9.81 15.50 -3.85
N LEU A 168 -10.32 14.29 -4.06
CA LEU A 168 -10.20 13.66 -5.38
C LEU A 168 -10.37 14.57 -6.58
N GLY A 169 -9.52 14.37 -7.58
CA GLY A 169 -9.57 15.17 -8.79
C GLY A 169 -9.04 16.58 -8.63
N TYR A 170 -9.41 17.23 -7.53
CA TYR A 170 -8.98 18.59 -7.23
C TYR A 170 -7.54 18.67 -6.72
N ALA A 171 -7.11 17.66 -5.98
CA ALA A 171 -5.76 17.64 -5.44
C ALA A 171 -4.65 17.58 -6.48
N ASP A 172 -3.44 17.91 -6.06
CA ASP A 172 -2.28 17.90 -6.93
C ASP A 172 -1.38 16.72 -6.56
N LEU A 173 -1.16 15.84 -7.53
CA LEU A 173 -0.34 14.65 -7.33
C LEU A 173 1.14 14.98 -7.01
N GLU A 174 1.76 15.85 -7.81
CA GLU A 174 3.16 16.20 -7.57
C GLU A 174 3.43 16.86 -6.21
N GLN A 175 2.61 17.83 -5.84
CA GLN A 175 2.80 18.50 -4.55
C GLN A 175 2.71 17.52 -3.40
N ASN A 176 2.00 16.42 -3.60
CA ASN A 176 1.85 15.41 -2.57
C ASN A 176 2.80 14.22 -2.71
N GLY A 177 3.93 14.45 -3.37
CA GLY A 177 4.94 13.41 -3.53
C GLY A 177 4.65 12.20 -4.40
N VAL A 178 3.63 12.29 -5.25
CA VAL A 178 3.28 11.18 -6.13
C VAL A 178 3.86 11.38 -7.52
N VAL A 179 4.69 10.45 -7.96
CA VAL A 179 5.30 10.54 -9.28
C VAL A 179 4.39 9.94 -10.36
N SER A 180 3.62 8.91 -10.02
CA SER A 180 2.71 8.30 -11.00
C SER A 180 1.77 7.21 -10.48
N ILE A 181 0.73 6.95 -11.26
CA ILE A 181 -0.30 5.96 -10.97
C ILE A 181 -0.03 4.73 -11.85
N LEU A 182 0.10 3.57 -11.23
CA LEU A 182 0.34 2.31 -11.95
C LEU A 182 -0.92 1.46 -12.03
N LEU A 183 -1.56 1.51 -13.20
CA LEU A 183 -2.79 0.78 -13.45
C LEU A 183 -2.49 -0.65 -13.96
N THR A 184 -2.95 -1.65 -13.24
CA THR A 184 -2.69 -3.02 -13.63
C THR A 184 -3.87 -3.76 -14.24
N GLY A 185 -3.55 -4.71 -15.12
CA GLY A 185 -4.54 -5.53 -15.79
C GLY A 185 -3.96 -6.89 -16.12
N SER A 186 -4.82 -7.91 -16.19
CA SER A 186 -4.39 -9.28 -16.48
C SER A 186 -3.77 -9.46 -17.87
N GLY A 187 -4.21 -8.67 -18.83
CA GLY A 187 -3.69 -8.81 -20.18
C GLY A 187 -4.61 -9.70 -20.99
N GLY A 188 -5.65 -10.22 -20.34
CA GLY A 188 -6.63 -11.05 -21.01
C GLY A 188 -6.23 -12.46 -21.42
N PRO A 189 -7.16 -13.19 -22.06
CA PRO A 189 -6.88 -14.57 -22.49
C PRO A 189 -5.90 -14.67 -23.66
N PHE A 190 -5.77 -13.59 -24.43
CA PHE A 190 -4.87 -13.61 -25.58
C PHE A 190 -3.50 -13.00 -25.31
N ARG A 191 -3.18 -12.82 -24.04
CA ARG A 191 -1.91 -12.23 -23.64
C ARG A 191 -0.70 -12.88 -24.31
N GLU A 192 -0.71 -14.20 -24.44
CA GLU A 192 0.41 -14.94 -25.03
C GLU A 192 0.20 -15.34 -26.49
N THR A 193 -1.06 -15.37 -26.92
CA THR A 193 -1.44 -15.72 -28.29
C THR A 193 -0.61 -15.07 -29.38
N PRO A 194 -0.29 -15.81 -30.45
CA PRO A 194 0.49 -15.25 -31.56
C PRO A 194 -0.29 -14.13 -32.23
N LEU A 195 0.36 -13.01 -32.51
CA LEU A 195 -0.32 -11.88 -33.14
C LEU A 195 -1.15 -12.29 -34.37
N ARG A 196 -0.61 -13.14 -35.21
CA ARG A 196 -1.31 -13.58 -36.41
C ARG A 196 -2.64 -14.31 -36.16
N ASP A 197 -2.77 -14.94 -35.00
CA ASP A 197 -3.99 -15.69 -34.65
C ASP A 197 -5.16 -14.85 -34.11
N LEU A 198 -4.87 -13.65 -33.62
CA LEU A 198 -5.94 -12.81 -33.06
C LEU A 198 -7.15 -12.65 -33.98
N ALA A 199 -6.91 -12.54 -35.28
CA ALA A 199 -7.99 -12.36 -36.23
C ALA A 199 -8.95 -13.55 -36.31
N THR A 200 -8.50 -14.73 -35.86
CA THR A 200 -9.36 -15.91 -35.93
C THR A 200 -10.01 -16.32 -34.59
N MET A 201 -9.65 -15.63 -33.52
CA MET A 201 -10.20 -15.93 -32.20
C MET A 201 -11.73 -15.83 -32.19
N THR A 202 -12.37 -16.70 -31.41
CA THR A 202 -13.84 -16.72 -31.34
C THR A 202 -14.35 -16.05 -30.08
N PRO A 203 -15.66 -15.72 -30.07
CA PRO A 203 -16.27 -15.09 -28.90
C PRO A 203 -15.97 -15.92 -27.66
N ASP A 204 -16.18 -17.23 -27.79
CA ASP A 204 -15.94 -18.15 -26.69
C ASP A 204 -14.52 -18.08 -26.16
N GLN A 205 -13.55 -17.96 -27.07
CA GLN A 205 -12.16 -17.89 -26.64
C GLN A 205 -11.89 -16.55 -25.98
N ALA A 206 -12.53 -15.52 -26.51
CA ALA A 206 -12.36 -14.18 -25.97
C ALA A 206 -13.01 -14.05 -24.61
N CYS A 207 -14.06 -14.84 -24.36
CA CYS A 207 -14.76 -14.74 -23.09
C CYS A 207 -14.24 -15.55 -21.93
N ARG A 208 -13.10 -16.21 -22.10
CA ARG A 208 -12.52 -16.98 -21.00
C ARG A 208 -11.66 -16.02 -20.19
N HIS A 209 -12.29 -15.25 -19.31
CA HIS A 209 -11.55 -14.30 -18.50
C HIS A 209 -10.52 -15.07 -17.67
N PRO A 210 -9.24 -14.69 -17.82
CA PRO A 210 -8.05 -15.24 -17.17
C PRO A 210 -8.12 -15.74 -15.72
N ASN A 211 -8.66 -14.93 -14.82
CA ASN A 211 -8.69 -15.33 -13.42
C ASN A 211 -10.06 -15.71 -12.87
N TRP A 212 -11.04 -14.84 -13.10
CA TRP A 212 -12.40 -15.08 -12.62
C TRP A 212 -13.38 -14.86 -13.75
N SER A 213 -14.62 -15.30 -13.55
CA SER A 213 -15.66 -15.13 -14.57
C SER A 213 -16.34 -13.78 -14.46
N MET A 214 -16.87 -13.31 -15.59
CA MET A 214 -17.57 -12.05 -15.65
C MET A 214 -18.29 -11.93 -16.98
N GLY A 215 -19.05 -10.86 -17.17
CA GLY A 215 -19.79 -10.65 -18.40
C GLY A 215 -19.00 -10.89 -19.68
N ARG A 216 -19.72 -11.16 -20.77
CA ARG A 216 -19.09 -11.41 -22.06
C ARG A 216 -18.51 -10.12 -22.65
N LYS A 217 -19.26 -9.04 -22.58
CA LYS A 217 -18.79 -7.77 -23.11
C LYS A 217 -17.55 -7.31 -22.35
N ILE A 218 -17.56 -7.50 -21.03
CA ILE A 218 -16.42 -7.11 -20.21
C ILE A 218 -15.23 -8.05 -20.41
N SER A 219 -15.50 -9.34 -20.60
CA SER A 219 -14.42 -10.30 -20.83
C SER A 219 -13.71 -9.90 -22.11
N VAL A 220 -14.48 -9.58 -23.14
CA VAL A 220 -13.93 -9.14 -24.41
C VAL A 220 -13.12 -7.86 -24.20
N ASP A 221 -13.66 -6.92 -23.42
CA ASP A 221 -12.94 -5.67 -23.16
C ASP A 221 -11.59 -5.96 -22.51
N SER A 222 -11.54 -7.03 -21.73
CA SER A 222 -10.30 -7.43 -21.08
C SER A 222 -9.35 -8.04 -22.11
N ALA A 223 -9.91 -8.74 -23.09
CA ALA A 223 -9.13 -9.39 -24.14
C ALA A 223 -8.48 -8.35 -25.06
N THR A 224 -9.18 -7.24 -25.29
CA THR A 224 -8.67 -6.18 -26.14
C THR A 224 -7.94 -5.17 -25.30
N MET A 225 -8.14 -5.24 -23.99
CA MET A 225 -7.50 -4.31 -23.06
C MET A 225 -8.20 -2.94 -23.18
N MET A 226 -9.34 -2.91 -23.86
CA MET A 226 -10.11 -1.66 -23.99
C MET A 226 -10.53 -1.33 -22.54
N ASN A 227 -10.59 -2.41 -21.77
CA ASN A 227 -10.92 -2.43 -20.37
C ASN A 227 -10.00 -1.45 -19.63
N LYS A 228 -8.69 -1.65 -19.77
CA LYS A 228 -7.71 -0.81 -19.11
C LYS A 228 -7.69 0.58 -19.76
N GLY A 229 -7.96 0.62 -21.05
CA GLY A 229 -7.98 1.90 -21.75
C GLY A 229 -9.04 2.82 -21.17
N LEU A 230 -10.23 2.29 -20.93
CA LEU A 230 -11.30 3.09 -20.36
C LEU A 230 -10.94 3.50 -18.93
N GLU A 231 -10.34 2.57 -18.18
CA GLU A 231 -9.94 2.84 -16.81
C GLU A 231 -8.81 3.88 -16.77
N TYR A 232 -7.97 3.86 -17.80
CA TYR A 232 -6.87 4.81 -17.93
C TYR A 232 -7.49 6.20 -18.02
N ILE A 233 -8.50 6.32 -18.86
CA ILE A 233 -9.21 7.58 -19.06
C ILE A 233 -9.82 8.06 -17.74
N GLU A 234 -10.50 7.16 -17.05
CA GLU A 234 -11.12 7.50 -15.77
C GLU A 234 -10.09 7.96 -14.74
N ALA A 235 -9.02 7.19 -14.62
CA ALA A 235 -7.98 7.49 -13.66
C ALA A 235 -7.39 8.90 -13.84
N ARG A 236 -7.13 9.29 -15.08
CA ARG A 236 -6.57 10.61 -15.31
C ARG A 236 -7.51 11.67 -14.79
N TRP A 237 -8.80 11.51 -15.05
CA TRP A 237 -9.81 12.46 -14.57
C TRP A 237 -9.96 12.40 -13.05
N LEU A 238 -10.14 11.19 -12.55
CA LEU A 238 -10.33 10.97 -11.13
C LEU A 238 -9.19 11.43 -10.23
N PHE A 239 -7.96 11.20 -10.64
CA PHE A 239 -6.84 11.58 -9.79
C PHE A 239 -6.05 12.75 -10.36
N ASN A 240 -6.59 13.37 -11.40
CA ASN A 240 -5.97 14.52 -12.05
C ASN A 240 -4.54 14.19 -12.49
N ALA A 241 -4.38 13.06 -13.15
CA ALA A 241 -3.08 12.63 -13.62
C ALA A 241 -2.83 12.96 -15.07
N SER A 242 -1.61 13.38 -15.37
CA SER A 242 -1.22 13.71 -16.73
C SER A 242 -0.74 12.41 -17.38
N ALA A 243 -0.42 12.48 -18.67
CA ALA A 243 0.06 11.32 -19.40
C ALA A 243 1.28 10.70 -18.73
N SER A 244 2.24 11.55 -18.38
CA SER A 244 3.48 11.09 -17.74
C SER A 244 3.27 10.60 -16.31
N GLN A 245 2.09 10.85 -15.74
CA GLN A 245 1.82 10.39 -14.39
C GLN A 245 1.02 9.10 -14.43
N MET A 246 0.97 8.47 -15.59
CA MET A 246 0.23 7.22 -15.78
C MET A 246 1.11 6.10 -16.35
N GLU A 247 0.94 4.91 -15.78
CA GLU A 247 1.67 3.73 -16.23
C GLU A 247 0.65 2.59 -16.28
N VAL A 248 0.74 1.77 -17.33
CA VAL A 248 -0.18 0.65 -17.44
C VAL A 248 0.67 -0.61 -17.50
N LEU A 249 0.51 -1.47 -16.50
CA LEU A 249 1.25 -2.71 -16.43
C LEU A 249 0.35 -3.92 -16.51
N ILE A 250 0.88 -4.96 -17.13
CA ILE A 250 0.18 -6.21 -17.24
C ILE A 250 0.66 -7.03 -16.05
N HIS A 251 -0.29 -7.52 -15.27
CA HIS A 251 -0.04 -8.35 -14.10
C HIS A 251 -1.07 -9.45 -14.29
N PRO A 252 -0.62 -10.59 -14.87
CA PRO A 252 -1.44 -11.76 -15.16
C PRO A 252 -2.24 -12.36 -14.02
N GLN A 253 -1.65 -12.44 -12.84
CA GLN A 253 -2.32 -13.06 -11.71
C GLN A 253 -3.39 -12.21 -11.03
N SER A 254 -3.44 -10.93 -11.34
CA SER A 254 -4.44 -10.06 -10.75
C SER A 254 -4.50 -10.09 -9.21
N VAL A 255 -3.37 -10.30 -8.55
CA VAL A 255 -3.38 -10.30 -7.09
C VAL A 255 -3.21 -8.84 -6.64
N ILE A 256 -2.33 -8.14 -7.35
CA ILE A 256 -2.11 -6.73 -7.10
C ILE A 256 -3.22 -6.09 -7.94
N HIS A 257 -3.96 -5.15 -7.35
CA HIS A 257 -5.06 -4.52 -8.08
C HIS A 257 -4.70 -3.23 -8.79
N SER A 258 -3.58 -2.64 -8.40
CA SER A 258 -3.00 -1.40 -8.95
C SER A 258 -2.09 -0.79 -7.88
N MET A 259 -1.32 0.21 -8.26
CA MET A 259 -0.38 0.81 -7.32
C MET A 259 -0.12 2.27 -7.68
N VAL A 260 0.70 2.92 -6.84
CA VAL A 260 1.11 4.30 -7.09
C VAL A 260 2.56 4.46 -6.59
N ARG A 261 3.42 5.09 -7.40
CA ARG A 261 4.80 5.29 -6.98
C ARG A 261 5.01 6.68 -6.42
N TYR A 262 5.86 6.76 -5.41
CA TYR A 262 6.14 8.03 -4.76
C TYR A 262 7.54 8.53 -5.09
N GLN A 263 7.75 9.79 -4.80
CA GLN A 263 9.01 10.49 -5.07
C GLN A 263 10.26 9.93 -4.40
N ASP A 264 10.10 9.24 -3.28
CA ASP A 264 11.26 8.69 -2.58
C ASP A 264 11.59 7.25 -2.97
N GLY A 265 10.87 6.73 -3.96
CA GLY A 265 11.11 5.37 -4.41
C GLY A 265 10.05 4.37 -3.94
N SER A 266 9.30 4.74 -2.91
CA SER A 266 8.26 3.86 -2.40
C SER A 266 7.18 3.61 -3.44
N VAL A 267 6.61 2.43 -3.39
CA VAL A 267 5.51 2.07 -4.26
C VAL A 267 4.50 1.40 -3.32
N LEU A 268 3.31 1.98 -3.24
CA LEU A 268 2.25 1.44 -2.40
C LEU A 268 1.28 0.65 -3.26
N ALA A 269 0.87 -0.51 -2.77
CA ALA A 269 -0.03 -1.35 -3.54
C ALA A 269 -1.15 -1.93 -2.71
N GLN A 270 -2.22 -2.30 -3.40
CA GLN A 270 -3.37 -2.90 -2.75
C GLN A 270 -3.52 -4.33 -3.33
N LEU A 271 -3.58 -5.31 -2.44
CA LEU A 271 -3.74 -6.70 -2.87
C LEU A 271 -4.98 -7.29 -2.22
N GLY A 272 -5.46 -8.38 -2.81
CA GLY A 272 -6.62 -9.04 -2.24
C GLY A 272 -7.26 -10.09 -3.13
N GLU A 273 -8.36 -10.64 -2.65
CA GLU A 273 -9.11 -11.64 -3.39
C GLU A 273 -9.91 -10.91 -4.47
N PRO A 274 -10.29 -11.61 -5.54
CA PRO A 274 -11.06 -11.01 -6.64
C PRO A 274 -12.54 -10.96 -6.29
N ASP A 275 -12.84 -10.30 -5.17
CA ASP A 275 -14.21 -10.17 -4.70
C ASP A 275 -14.51 -8.68 -4.57
N MET A 276 -15.58 -8.23 -5.22
CA MET A 276 -15.94 -6.83 -5.20
C MET A 276 -16.38 -6.30 -3.86
N ARG A 277 -16.74 -7.18 -2.93
CA ARG A 277 -17.17 -6.70 -1.64
C ARG A 277 -16.04 -5.97 -0.90
N THR A 278 -14.80 -6.30 -1.21
CA THR A 278 -13.70 -5.60 -0.55
C THR A 278 -13.69 -4.11 -0.91
N PRO A 279 -13.59 -3.78 -2.20
CA PRO A 279 -13.60 -2.35 -2.56
C PRO A 279 -14.90 -1.64 -2.19
N ILE A 280 -16.01 -2.37 -2.23
CA ILE A 280 -17.29 -1.77 -1.86
C ILE A 280 -17.34 -1.44 -0.37
N ALA A 281 -16.93 -2.42 0.45
CA ALA A 281 -16.89 -2.26 1.90
C ALA A 281 -15.96 -1.11 2.24
N HIS A 282 -14.85 -1.01 1.51
CA HIS A 282 -13.88 0.05 1.74
C HIS A 282 -14.50 1.44 1.57
N THR A 283 -15.20 1.66 0.45
CA THR A 283 -15.78 2.97 0.19
C THR A 283 -16.91 3.28 1.15
N MET A 284 -17.68 2.26 1.52
CA MET A 284 -18.78 2.44 2.44
C MET A 284 -18.32 2.87 3.84
N ALA A 285 -17.22 2.29 4.31
CA ALA A 285 -16.71 2.62 5.64
C ALA A 285 -15.67 3.73 5.70
N TRP A 286 -15.07 4.08 4.56
CA TRP A 286 -14.05 5.12 4.53
C TRP A 286 -14.46 6.31 5.39
N PRO A 287 -13.52 6.91 6.14
CA PRO A 287 -12.10 6.58 6.26
C PRO A 287 -11.80 5.39 7.17
N ASN A 288 -12.86 4.72 7.63
CA ASN A 288 -12.66 3.57 8.49
C ASN A 288 -12.84 2.26 7.74
N ARG A 289 -12.84 1.15 8.49
CA ARG A 289 -12.97 -0.17 7.89
C ARG A 289 -14.12 -0.94 8.51
N VAL A 290 -14.70 -1.82 7.72
CA VAL A 290 -15.81 -2.62 8.16
C VAL A 290 -15.63 -4.03 7.60
N ASN A 291 -16.36 -4.99 8.17
CA ASN A 291 -16.28 -6.37 7.72
C ASN A 291 -16.99 -6.51 6.38
N SER A 292 -16.37 -7.25 5.45
CA SER A 292 -16.97 -7.41 4.14
C SER A 292 -17.41 -8.85 3.93
N GLY A 293 -16.84 -9.75 4.71
CA GLY A 293 -17.16 -11.16 4.59
C GLY A 293 -16.24 -11.85 3.60
N VAL A 294 -15.28 -11.10 3.08
CA VAL A 294 -14.33 -11.66 2.12
C VAL A 294 -13.20 -12.42 2.80
N LYS A 295 -12.88 -13.60 2.27
CA LYS A 295 -11.79 -14.41 2.82
C LYS A 295 -10.47 -13.67 2.71
N PRO A 296 -9.66 -13.66 3.78
CA PRO A 296 -8.37 -12.96 3.70
C PRO A 296 -7.55 -13.74 2.67
N LEU A 297 -6.77 -13.07 1.84
CA LEU A 297 -6.00 -13.85 0.88
C LEU A 297 -4.84 -14.58 1.54
N ASP A 298 -4.62 -15.81 1.08
CA ASP A 298 -3.58 -16.68 1.58
C ASP A 298 -2.37 -16.55 0.67
N PHE A 299 -1.34 -15.87 1.14
CA PHE A 299 -0.13 -15.65 0.37
C PHE A 299 0.62 -16.94 0.08
N CYS A 300 0.23 -18.02 0.71
CA CYS A 300 0.91 -19.28 0.47
C CYS A 300 0.24 -20.08 -0.63
N LYS A 301 -0.93 -19.63 -1.07
CA LYS A 301 -1.66 -20.33 -2.12
C LYS A 301 -1.81 -19.54 -3.42
N LEU A 302 -0.84 -18.66 -3.68
CA LEU A 302 -0.83 -17.84 -4.90
C LEU A 302 0.19 -18.39 -5.89
N SER A 303 0.08 -17.95 -7.13
CA SER A 303 1.05 -18.34 -8.14
C SER A 303 2.01 -17.16 -8.21
N ALA A 304 3.24 -17.42 -8.65
CA ALA A 304 4.24 -16.37 -8.76
C ALA A 304 3.66 -15.12 -9.43
N LEU A 305 3.88 -13.96 -8.82
CA LEU A 305 3.36 -12.71 -9.37
C LEU A 305 4.34 -12.16 -10.42
N THR A 306 3.83 -11.80 -11.59
CA THR A 306 4.69 -11.27 -12.63
C THR A 306 4.14 -10.00 -13.26
N PHE A 307 4.99 -9.30 -14.00
CA PHE A 307 4.62 -8.05 -14.65
C PHE A 307 5.25 -7.98 -16.04
N ALA A 308 4.66 -7.15 -16.92
CA ALA A 308 5.16 -6.99 -18.27
C ALA A 308 4.50 -5.75 -18.86
N ALA A 309 5.20 -5.06 -19.75
CA ALA A 309 4.65 -3.86 -20.38
C ALA A 309 3.73 -4.28 -21.51
N PRO A 310 2.58 -3.59 -21.67
CA PRO A 310 1.68 -3.98 -22.76
C PRO A 310 2.19 -3.56 -24.14
N ASP A 311 2.11 -4.49 -25.08
CA ASP A 311 2.55 -4.25 -26.45
C ASP A 311 1.34 -3.70 -27.19
N TYR A 312 1.46 -2.49 -27.73
CA TYR A 312 0.35 -1.86 -28.45
C TYR A 312 -0.03 -2.56 -29.75
N ASP A 313 0.85 -3.40 -30.27
CA ASP A 313 0.55 -4.16 -31.49
C ASP A 313 -0.49 -5.20 -31.11
N ARG A 314 -0.33 -5.74 -29.90
CA ARG A 314 -1.22 -6.74 -29.36
C ARG A 314 -2.51 -6.11 -28.84
N TYR A 315 -2.41 -4.92 -28.25
CA TYR A 315 -3.57 -4.24 -27.69
C TYR A 315 -3.80 -2.83 -28.25
N PRO A 316 -4.14 -2.72 -29.54
CA PRO A 316 -4.37 -1.39 -30.10
C PRO A 316 -5.45 -0.57 -29.40
N CYS A 317 -6.45 -1.25 -28.80
CA CYS A 317 -7.50 -0.52 -28.11
C CYS A 317 -6.96 0.32 -26.94
N LEU A 318 -5.93 -0.19 -26.27
CA LEU A 318 -5.33 0.51 -25.14
C LEU A 318 -4.80 1.85 -25.61
N LYS A 319 -4.00 1.81 -26.68
CA LYS A 319 -3.42 3.01 -27.25
C LYS A 319 -4.52 3.95 -27.73
N LEU A 320 -5.55 3.38 -28.34
CA LEU A 320 -6.65 4.19 -28.87
C LEU A 320 -7.28 5.01 -27.76
N ALA A 321 -7.50 4.37 -26.62
CA ALA A 321 -8.09 5.02 -25.46
C ALA A 321 -7.20 6.18 -25.03
N MET A 322 -5.91 5.91 -24.90
CA MET A 322 -4.94 6.93 -24.52
C MET A 322 -4.96 8.12 -25.46
N GLU A 323 -5.12 7.87 -26.76
CA GLU A 323 -5.15 8.94 -27.74
C GLU A 323 -6.46 9.72 -27.64
N ALA A 324 -7.56 9.01 -27.45
CA ALA A 324 -8.86 9.64 -27.34
C ALA A 324 -8.88 10.67 -26.21
N PHE A 325 -8.21 10.38 -25.11
CA PHE A 325 -8.19 11.30 -23.99
C PHE A 325 -7.65 12.65 -24.41
N GLU A 326 -6.56 12.64 -25.16
CA GLU A 326 -5.97 13.89 -25.60
C GLU A 326 -6.94 14.68 -26.48
N GLN A 327 -7.90 13.99 -27.10
CA GLN A 327 -8.88 14.65 -27.97
C GLN A 327 -10.15 15.15 -27.26
N GLY A 328 -10.26 14.90 -25.95
CA GLY A 328 -11.43 15.38 -25.24
C GLY A 328 -12.55 14.38 -25.04
N GLN A 329 -13.59 14.82 -24.34
CA GLN A 329 -14.76 14.00 -24.02
C GLN A 329 -15.51 13.47 -25.22
N ALA A 330 -15.50 14.21 -26.32
CA ALA A 330 -16.20 13.77 -27.50
C ALA A 330 -15.51 12.52 -28.05
N ALA A 331 -14.18 12.51 -27.98
CA ALA A 331 -13.39 11.38 -28.46
C ALA A 331 -13.56 10.15 -27.55
N THR A 332 -13.48 10.37 -26.24
CA THR A 332 -13.65 9.28 -25.29
C THR A 332 -15.09 8.74 -25.33
N THR A 333 -16.07 9.63 -25.42
CA THR A 333 -17.47 9.21 -25.47
C THR A 333 -17.70 8.43 -26.75
N ALA A 334 -17.12 8.89 -27.85
CA ALA A 334 -17.27 8.22 -29.12
C ALA A 334 -16.62 6.82 -29.09
N LEU A 335 -15.42 6.73 -28.52
CA LEU A 335 -14.72 5.44 -28.43
C LEU A 335 -15.57 4.45 -27.65
N ASN A 336 -16.06 4.90 -26.50
CA ASN A 336 -16.89 4.05 -25.64
C ASN A 336 -18.13 3.56 -26.38
N ALA A 337 -18.79 4.46 -27.09
CA ALA A 337 -19.99 4.14 -27.85
C ALA A 337 -19.69 3.12 -28.94
N ALA A 338 -18.70 3.44 -29.79
CA ALA A 338 -18.32 2.57 -30.89
C ALA A 338 -18.00 1.17 -30.37
N ASN A 339 -17.20 1.11 -29.31
CA ASN A 339 -16.80 -0.15 -28.70
C ASN A 339 -17.96 -1.04 -28.26
N GLU A 340 -19.07 -0.44 -27.84
CA GLU A 340 -20.20 -1.26 -27.40
C GLU A 340 -20.82 -1.93 -28.60
N ILE A 341 -20.87 -1.21 -29.72
CA ILE A 341 -21.44 -1.75 -30.94
C ILE A 341 -20.52 -2.80 -31.56
N THR A 342 -19.22 -2.52 -31.64
CA THR A 342 -18.28 -3.47 -32.24
C THR A 342 -18.10 -4.73 -31.40
N VAL A 343 -18.08 -4.61 -30.07
CA VAL A 343 -17.94 -5.80 -29.23
C VAL A 343 -19.18 -6.65 -29.40
N ALA A 344 -20.35 -6.04 -29.25
CA ALA A 344 -21.60 -6.75 -29.40
C ALA A 344 -21.65 -7.42 -30.77
N ALA A 345 -21.19 -6.70 -31.79
CA ALA A 345 -21.18 -7.25 -33.15
C ALA A 345 -20.24 -8.46 -33.22
N PHE A 346 -19.14 -8.40 -32.48
CA PHE A 346 -18.18 -9.50 -32.45
C PHE A 346 -18.85 -10.69 -31.78
N LEU A 347 -19.46 -10.45 -30.63
CA LEU A 347 -20.14 -11.50 -29.90
C LEU A 347 -21.18 -12.19 -30.79
N ALA A 348 -21.77 -11.43 -31.71
CA ALA A 348 -22.79 -11.97 -32.62
C ALA A 348 -22.16 -12.61 -33.85
N GLN A 349 -20.83 -12.64 -33.85
CA GLN A 349 -20.08 -13.20 -34.96
C GLN A 349 -20.33 -12.43 -36.25
N GLN A 350 -20.40 -11.11 -36.13
CA GLN A 350 -20.62 -10.27 -37.30
C GLN A 350 -19.28 -9.74 -37.82
N ILE A 351 -18.29 -9.67 -36.94
CA ILE A 351 -16.97 -9.17 -37.32
C ILE A 351 -15.90 -9.99 -36.61
N ARG A 352 -14.65 -9.84 -37.05
CA ARG A 352 -13.53 -10.54 -36.43
C ARG A 352 -13.08 -9.83 -35.16
N PHE A 353 -12.42 -10.57 -34.27
CA PHE A 353 -11.93 -10.01 -33.02
C PHE A 353 -11.08 -8.76 -33.28
N THR A 354 -10.25 -8.81 -34.31
CA THR A 354 -9.38 -7.69 -34.68
C THR A 354 -10.16 -6.56 -35.35
N ASP A 355 -11.41 -6.83 -35.74
CA ASP A 355 -12.25 -5.80 -36.36
C ASP A 355 -12.71 -4.79 -35.29
N ILE A 356 -12.70 -5.21 -34.03
CA ILE A 356 -13.11 -4.33 -32.93
C ILE A 356 -12.27 -3.07 -32.86
N ALA A 357 -10.95 -3.22 -32.73
CA ALA A 357 -10.06 -2.07 -32.66
C ALA A 357 -10.10 -1.28 -33.96
N ALA A 358 -10.11 -1.99 -35.08
CA ALA A 358 -10.13 -1.39 -36.40
C ALA A 358 -11.34 -0.49 -36.62
N LEU A 359 -12.52 -0.97 -36.26
CA LEU A 359 -13.73 -0.17 -36.41
C LEU A 359 -13.83 0.93 -35.33
N ASN A 360 -13.31 0.69 -34.13
CA ASN A 360 -13.35 1.71 -33.09
C ASN A 360 -12.54 2.91 -33.56
N LEU A 361 -11.37 2.63 -34.12
CA LEU A 361 -10.51 3.69 -34.62
C LEU A 361 -11.27 4.40 -35.75
N SER A 362 -11.81 3.63 -36.68
CA SER A 362 -12.50 4.22 -37.80
C SER A 362 -13.67 5.14 -37.44
N VAL A 363 -14.56 4.75 -36.53
CA VAL A 363 -15.66 5.66 -36.21
C VAL A 363 -15.14 6.90 -35.51
N LEU A 364 -14.00 6.77 -34.85
CA LEU A 364 -13.39 7.88 -34.14
C LEU A 364 -12.95 8.95 -35.15
N GLU A 365 -12.42 8.52 -36.28
CA GLU A 365 -11.94 9.42 -37.32
C GLU A 365 -13.07 10.09 -38.09
N LYS A 366 -14.25 9.48 -38.04
CA LYS A 366 -15.40 10.03 -38.75
C LYS A 366 -16.21 10.96 -37.84
N MET A 367 -15.95 10.91 -36.54
CA MET A 367 -16.68 11.75 -35.60
C MET A 367 -16.26 13.22 -35.66
N ASP A 368 -17.26 14.08 -35.66
CA ASP A 368 -17.04 15.53 -35.71
C ASP A 368 -17.12 16.12 -34.32
N MET A 369 -18.34 16.51 -33.94
CA MET A 369 -18.65 17.11 -32.64
C MET A 369 -17.50 17.01 -31.65
N ARG A 370 -17.19 18.11 -30.98
CA ARG A 370 -16.12 18.10 -30.01
C ARG A 370 -16.46 18.88 -28.74
N GLU A 371 -16.01 18.33 -27.61
CA GLU A 371 -16.23 18.91 -26.29
C GLU A 371 -17.66 19.32 -25.97
N PRO A 372 -18.45 18.40 -25.39
CA PRO A 372 -19.84 18.64 -25.01
C PRO A 372 -19.92 19.59 -23.82
N GLN A 373 -21.03 20.30 -23.68
CA GLN A 373 -21.18 21.26 -22.59
C GLN A 373 -22.01 20.74 -21.42
N CYS A 374 -22.74 19.65 -21.66
CA CYS A 374 -23.57 19.05 -20.62
C CYS A 374 -23.85 17.59 -20.93
N VAL A 375 -24.62 16.94 -20.06
CA VAL A 375 -24.96 15.54 -20.24
C VAL A 375 -25.71 15.26 -21.53
N ASP A 376 -26.65 16.12 -21.89
CA ASP A 376 -27.43 15.94 -23.11
C ASP A 376 -26.53 15.98 -24.34
N ASP A 377 -25.46 16.75 -24.25
CA ASP A 377 -24.52 16.85 -25.36
C ASP A 377 -23.74 15.56 -25.53
N VAL A 378 -23.28 14.98 -24.42
CA VAL A 378 -22.53 13.74 -24.53
C VAL A 378 -23.48 12.66 -25.05
N LEU A 379 -24.70 12.66 -24.53
CA LEU A 379 -25.71 11.69 -24.96
C LEU A 379 -25.87 11.75 -26.48
N SER A 380 -25.79 12.95 -27.02
CA SER A 380 -25.91 13.14 -28.45
C SER A 380 -24.68 12.58 -29.17
N VAL A 381 -23.50 12.78 -28.59
CA VAL A 381 -22.29 12.27 -29.20
C VAL A 381 -22.33 10.74 -29.15
N ASP A 382 -22.85 10.20 -28.05
CA ASP A 382 -22.97 8.77 -27.87
C ASP A 382 -23.86 8.19 -28.96
N ALA A 383 -25.03 8.79 -29.11
CA ALA A 383 -26.01 8.35 -30.10
C ALA A 383 -25.44 8.38 -31.53
N ASN A 384 -24.68 9.41 -31.84
CA ASN A 384 -24.09 9.51 -33.17
C ASN A 384 -22.94 8.53 -33.42
N ALA A 385 -22.14 8.26 -32.39
CA ALA A 385 -21.02 7.34 -32.56
C ALA A 385 -21.55 5.92 -32.73
N ARG A 386 -22.69 5.64 -32.10
CA ARG A 386 -23.30 4.33 -32.23
C ARG A 386 -23.81 4.12 -33.64
N GLU A 387 -24.47 5.14 -34.21
CA GLU A 387 -24.97 5.00 -35.56
C GLU A 387 -23.83 4.80 -36.55
N VAL A 388 -22.79 5.64 -36.44
CA VAL A 388 -21.65 5.51 -37.33
C VAL A 388 -21.07 4.09 -37.21
N ALA A 389 -20.97 3.63 -35.98
CA ALA A 389 -20.44 2.29 -35.71
C ALA A 389 -21.31 1.17 -36.30
N ARG A 390 -22.63 1.29 -36.14
CA ARG A 390 -23.55 0.27 -36.68
C ARG A 390 -23.42 0.15 -38.19
N LYS A 391 -23.22 1.28 -38.86
CA LYS A 391 -23.06 1.28 -40.30
C LYS A 391 -21.74 0.61 -40.66
N GLU A 392 -20.70 0.87 -39.86
CA GLU A 392 -19.40 0.26 -40.08
C GLU A 392 -19.57 -1.25 -40.11
N VAL A 393 -20.21 -1.77 -39.07
CA VAL A 393 -20.46 -3.21 -38.94
C VAL A 393 -21.30 -3.74 -40.09
N MET A 394 -22.34 -3.00 -40.47
CA MET A 394 -23.21 -3.45 -41.56
C MET A 394 -22.52 -3.42 -42.92
N ARG A 395 -21.64 -2.45 -43.11
CA ARG A 395 -20.90 -2.32 -44.36
C ARG A 395 -19.88 -3.43 -44.45
N LEU A 396 -19.34 -3.83 -43.30
CA LEU A 396 -18.34 -4.88 -43.25
C LEU A 396 -18.96 -6.26 -43.42
N ALA A 397 -20.28 -6.33 -43.31
CA ALA A 397 -21.00 -7.59 -43.47
C ALA A 397 -21.33 -7.80 -44.96
N SER A 398 -20.52 -7.18 -45.81
CA SER A 398 -20.73 -7.28 -47.26
C SER A 398 -19.48 -7.84 -47.96
N GLY B 1 12.43 24.66 6.59
CA GLY B 1 13.58 23.75 6.84
C GLY B 1 13.49 23.11 8.21
N LYS B 2 13.66 21.79 8.26
CA LYS B 2 13.62 21.06 9.52
C LYS B 2 15.05 20.92 10.03
N GLN B 3 15.22 21.06 11.34
CA GLN B 3 16.52 20.94 11.95
C GLN B 3 16.63 19.58 12.60
N LEU B 4 17.79 18.95 12.45
CA LEU B 4 17.97 17.63 13.04
C LEU B 4 19.35 17.31 13.55
N THR B 5 19.40 16.38 14.50
CA THR B 5 20.69 15.93 15.00
C THR B 5 20.72 14.47 14.55
N ILE B 6 21.86 14.06 13.99
CA ILE B 6 22.03 12.70 13.52
C ILE B 6 22.83 11.89 14.54
N LEU B 7 22.14 10.99 15.24
CA LEU B 7 22.79 10.12 16.21
C LEU B 7 23.44 8.99 15.40
N GLY B 8 24.77 8.94 15.37
CA GLY B 8 25.46 7.91 14.62
C GLY B 8 25.55 8.27 13.14
N SER B 9 26.12 9.43 12.86
CA SER B 9 26.21 9.93 11.50
C SER B 9 27.27 9.35 10.59
N THR B 10 28.31 8.74 11.16
CA THR B 10 29.38 8.18 10.32
C THR B 10 29.03 6.78 9.81
N GLY B 11 27.96 6.21 10.34
CA GLY B 11 27.57 4.88 9.91
C GLY B 11 26.82 4.90 8.59
N SER B 12 26.42 3.71 8.16
CA SER B 12 25.68 3.55 6.92
C SER B 12 24.41 4.39 6.89
N ILE B 13 23.56 4.24 7.91
CA ILE B 13 22.32 4.99 7.97
C ILE B 13 22.59 6.50 8.02
N GLY B 14 23.60 6.87 8.81
CA GLY B 14 23.95 8.26 8.92
C GLY B 14 24.33 8.85 7.58
N CYS B 15 25.15 8.12 6.83
CA CYS B 15 25.57 8.61 5.51
C CYS B 15 24.37 8.67 4.56
N SER B 16 23.51 7.66 4.63
CA SER B 16 22.33 7.63 3.77
C SER B 16 21.44 8.81 4.08
N THR B 17 21.39 9.17 5.36
CA THR B 17 20.59 10.30 5.84
C THR B 17 21.18 11.61 5.34
N LEU B 18 22.49 11.75 5.43
CA LEU B 18 23.13 12.97 4.98
C LEU B 18 23.00 13.08 3.46
N ASP B 19 22.94 11.94 2.78
CA ASP B 19 22.78 11.97 1.34
C ASP B 19 21.41 12.55 1.01
N VAL B 20 20.41 12.18 1.79
CA VAL B 20 19.06 12.68 1.57
C VAL B 20 18.98 14.19 1.77
N VAL B 21 19.68 14.71 2.77
CA VAL B 21 19.65 16.17 3.00
C VAL B 21 20.39 16.84 1.84
N ARG B 22 21.40 16.16 1.33
CA ARG B 22 22.19 16.66 0.21
C ARG B 22 21.23 16.85 -0.99
N HIS B 23 20.24 15.97 -1.13
CA HIS B 23 19.26 16.06 -2.21
C HIS B 23 18.18 17.10 -1.91
N ASN B 24 18.06 17.51 -0.65
CA ASN B 24 17.03 18.47 -0.27
C ASN B 24 17.57 19.50 0.72
N PRO B 25 18.63 20.24 0.34
CA PRO B 25 19.24 21.25 1.21
C PRO B 25 18.27 22.32 1.68
N GLU B 26 17.25 22.59 0.87
CA GLU B 26 16.25 23.58 1.21
C GLU B 26 15.34 23.07 2.32
N HIS B 27 15.14 21.76 2.36
CA HIS B 27 14.24 21.14 3.34
C HIS B 27 14.86 20.77 4.68
N PHE B 28 16.15 20.44 4.70
CA PHE B 28 16.78 20.03 5.95
C PHE B 28 18.06 20.77 6.30
N ARG B 29 18.26 20.95 7.60
CA ARG B 29 19.44 21.63 8.13
C ARG B 29 19.99 20.77 9.26
N VAL B 30 21.26 20.41 9.14
CA VAL B 30 21.90 19.59 10.17
C VAL B 30 22.39 20.50 11.28
N VAL B 31 21.82 20.33 12.47
CA VAL B 31 22.22 21.13 13.61
C VAL B 31 23.34 20.46 14.37
N ALA B 32 23.33 19.14 14.42
CA ALA B 32 24.36 18.43 15.14
C ALA B 32 24.58 16.99 14.67
N LEU B 33 25.84 16.56 14.69
CA LEU B 33 26.21 15.22 14.32
C LEU B 33 26.87 14.60 15.56
N VAL B 34 26.58 13.31 15.79
CA VAL B 34 27.16 12.59 16.93
C VAL B 34 27.70 11.30 16.34
N ALA B 35 28.93 10.95 16.69
CA ALA B 35 29.55 9.74 16.18
C ALA B 35 30.45 9.09 17.23
N GLY B 36 31.17 8.05 16.82
CA GLY B 36 32.05 7.34 17.73
C GLY B 36 33.51 7.69 17.66
N LYS B 37 34.26 6.99 16.80
CA LYS B 37 35.70 7.24 16.67
C LYS B 37 36.18 7.50 15.25
N ASN B 38 35.28 7.51 14.28
CA ASN B 38 35.69 7.74 12.90
C ASN B 38 35.85 9.24 12.66
N VAL B 39 37.00 9.78 13.08
CA VAL B 39 37.28 11.20 12.95
C VAL B 39 37.33 11.72 11.51
N THR B 40 37.99 10.97 10.61
CA THR B 40 38.11 11.42 9.23
C THR B 40 36.75 11.68 8.58
N ARG B 41 35.82 10.74 8.74
CA ARG B 41 34.50 10.88 8.15
C ARG B 41 33.71 12.00 8.82
N MET B 42 33.89 12.14 10.13
CA MET B 42 33.19 13.19 10.86
C MET B 42 33.64 14.56 10.38
N VAL B 43 34.92 14.66 10.00
CA VAL B 43 35.46 15.92 9.51
C VAL B 43 34.79 16.27 8.18
N GLU B 44 34.79 15.33 7.24
CA GLU B 44 34.16 15.60 5.97
C GLU B 44 32.72 16.02 6.17
N GLN B 45 32.01 15.29 7.04
CA GLN B 45 30.61 15.60 7.30
C GLN B 45 30.39 17.00 7.83
N CYS B 46 31.21 17.43 8.78
CA CYS B 46 31.10 18.77 9.35
C CYS B 46 31.38 19.82 8.30
N LEU B 47 32.41 19.55 7.50
CA LEU B 47 32.81 20.47 6.44
C LEU B 47 31.74 20.59 5.35
N GLU B 48 30.93 19.55 5.17
CA GLU B 48 29.89 19.59 4.15
C GLU B 48 28.53 20.05 4.63
N PHE B 49 28.20 19.79 5.90
CA PHE B 49 26.90 20.17 6.39
C PHE B 49 26.84 21.26 7.43
N SER B 50 28.00 21.76 7.85
CA SER B 50 28.09 22.86 8.80
C SER B 50 27.19 22.77 10.03
N PRO B 51 27.33 21.70 10.83
CA PRO B 51 26.49 21.60 12.02
C PRO B 51 26.96 22.53 13.13
N ARG B 52 26.06 22.91 14.02
CA ARG B 52 26.40 23.77 15.14
C ARG B 52 27.34 22.97 16.06
N TYR B 53 27.02 21.70 16.30
CA TYR B 53 27.87 20.85 17.15
C TYR B 53 28.25 19.51 16.52
N ALA B 54 29.41 19.00 16.92
CA ALA B 54 29.91 17.71 16.47
C ALA B 54 30.37 17.03 17.74
N VAL B 55 29.82 15.85 18.01
CA VAL B 55 30.16 15.12 19.22
C VAL B 55 30.72 13.75 18.94
N MET B 56 31.77 13.40 19.67
CA MET B 56 32.38 12.08 19.54
C MET B 56 32.15 11.45 20.91
N ASP B 57 32.24 10.13 21.00
CA ASP B 57 32.05 9.47 22.27
C ASP B 57 33.42 9.07 22.80
N ASP B 58 34.24 10.10 23.06
CA ASP B 58 35.60 9.92 23.55
C ASP B 58 36.41 11.22 23.44
N GLU B 59 37.08 11.60 24.53
CA GLU B 59 37.89 12.82 24.55
C GLU B 59 39.06 12.80 23.57
N ALA B 60 39.60 11.62 23.31
CA ALA B 60 40.73 11.48 22.39
C ALA B 60 40.31 11.75 20.95
N SER B 61 39.10 11.32 20.59
CA SER B 61 38.61 11.53 19.25
C SER B 61 38.08 12.96 19.09
N ALA B 62 37.57 13.52 20.19
CA ALA B 62 37.04 14.87 20.17
C ALA B 62 38.13 15.92 19.93
N LYS B 63 39.25 15.77 20.64
CA LYS B 63 40.37 16.70 20.48
C LYS B 63 41.01 16.51 19.11
N LEU B 64 41.09 15.24 18.68
CA LEU B 64 41.68 14.90 17.39
C LEU B 64 40.84 15.55 16.28
N LEU B 65 39.52 15.51 16.46
CA LEU B 65 38.58 16.10 15.51
C LEU B 65 38.66 17.63 15.58
N LYS B 66 38.68 18.15 16.80
CA LYS B 66 38.73 19.58 17.03
C LYS B 66 39.95 20.21 16.36
N THR B 67 41.07 19.51 16.36
CA THR B 67 42.29 20.02 15.75
C THR B 67 42.15 20.09 14.24
N MET B 68 41.57 19.06 13.64
CA MET B 68 41.39 19.03 12.19
C MET B 68 40.36 20.05 11.68
N LEU B 69 39.29 20.26 12.43
CA LEU B 69 38.26 21.22 12.02
C LEU B 69 38.85 22.63 12.04
N GLN B 70 39.60 22.95 13.09
CA GLN B 70 40.20 24.27 13.20
C GLN B 70 41.23 24.47 12.09
N GLN B 71 42.01 23.42 11.82
CA GLN B 71 43.01 23.47 10.77
C GLN B 71 42.33 23.73 9.42
N GLN B 72 41.08 23.29 9.30
CA GLN B 72 40.32 23.46 8.07
C GLN B 72 39.44 24.71 8.06
N GLY B 73 39.44 25.44 9.17
CA GLY B 73 38.66 26.66 9.26
C GLY B 73 37.25 26.54 9.79
N SER B 74 36.81 25.33 10.12
CA SER B 74 35.46 25.16 10.64
C SER B 74 35.36 25.55 12.10
N ARG B 75 34.26 26.21 12.44
CA ARG B 75 34.01 26.66 13.80
C ARG B 75 32.96 25.79 14.50
N THR B 76 32.75 24.57 14.01
CA THR B 76 31.79 23.67 14.63
C THR B 76 32.25 23.40 16.07
N GLU B 77 31.37 23.58 17.04
CA GLU B 77 31.73 23.33 18.43
C GLU B 77 31.81 21.82 18.72
N VAL B 78 32.97 21.36 19.17
CA VAL B 78 33.17 19.95 19.46
C VAL B 78 32.84 19.59 20.90
N LEU B 79 32.26 18.40 21.09
CA LEU B 79 31.92 17.90 22.42
C LEU B 79 32.25 16.43 22.47
N SER B 80 32.21 15.83 23.64
CA SER B 80 32.55 14.41 23.79
C SER B 80 31.69 13.76 24.87
N GLY B 81 31.51 12.45 24.77
CA GLY B 81 30.73 11.74 25.78
C GLY B 81 29.24 11.55 25.55
N GLN B 82 28.70 10.53 26.18
CA GLN B 82 27.28 10.18 26.07
C GLN B 82 26.34 11.30 26.52
N GLN B 83 26.70 12.00 27.59
CA GLN B 83 25.85 13.07 28.08
C GLN B 83 25.66 14.12 26.98
N ALA B 84 26.75 14.48 26.30
CA ALA B 84 26.70 15.47 25.24
C ALA B 84 25.75 14.97 24.14
N ALA B 85 25.88 13.69 23.80
CA ALA B 85 25.02 13.10 22.78
C ALA B 85 23.56 13.33 23.19
N CYS B 86 23.25 13.07 24.46
CA CYS B 86 21.90 13.27 24.97
C CYS B 86 21.45 14.72 24.85
N ASP B 87 22.39 15.65 25.04
CA ASP B 87 22.04 17.06 24.93
C ASP B 87 21.71 17.40 23.49
N MET B 88 22.45 16.80 22.56
CA MET B 88 22.20 17.07 21.15
C MET B 88 20.84 16.52 20.75
N ALA B 89 20.50 15.37 21.32
CA ALA B 89 19.22 14.75 21.03
C ALA B 89 18.04 15.46 21.66
N ALA B 90 18.30 16.53 22.41
CA ALA B 90 17.20 17.27 23.05
C ALA B 90 17.23 18.79 22.83
N LEU B 91 18.08 19.24 21.91
CA LEU B 91 18.19 20.66 21.58
C LEU B 91 16.82 21.27 21.30
N GLU B 92 16.54 22.40 21.94
CA GLU B 92 15.29 23.11 21.76
C GLU B 92 15.02 23.36 20.27
N ASP B 93 16.08 23.73 19.57
CA ASP B 93 16.03 24.04 18.14
C ASP B 93 15.62 22.89 17.19
N VAL B 94 16.25 21.74 17.34
CA VAL B 94 15.99 20.60 16.45
C VAL B 94 14.59 19.98 16.51
N ASP B 95 14.10 19.57 15.34
CA ASP B 95 12.77 18.97 15.20
C ASP B 95 12.82 17.44 15.11
N GLN B 96 13.78 16.92 14.37
CA GLN B 96 13.90 15.48 14.21
C GLN B 96 15.24 14.97 14.71
N VAL B 97 15.23 13.73 15.17
CA VAL B 97 16.44 13.08 15.65
C VAL B 97 16.55 11.72 14.96
N MET B 98 17.58 11.57 14.13
CA MET B 98 17.81 10.30 13.44
C MET B 98 18.58 9.45 14.43
N ALA B 99 17.89 8.49 15.05
CA ALA B 99 18.51 7.62 16.04
C ALA B 99 19.14 6.41 15.40
N ALA B 100 20.43 6.51 15.08
CA ALA B 100 21.13 5.43 14.42
C ALA B 100 22.33 4.88 15.20
N ILE B 101 22.48 5.27 16.45
CA ILE B 101 23.58 4.72 17.24
C ILE B 101 23.13 3.32 17.65
N VAL B 102 23.87 2.31 17.23
CA VAL B 102 23.53 0.93 17.54
C VAL B 102 24.02 0.49 18.92
N GLY B 103 23.34 -0.52 19.47
CA GLY B 103 23.73 -1.04 20.76
C GLY B 103 23.29 -0.22 21.96
N ALA B 104 23.81 -0.61 23.12
CA ALA B 104 23.49 0.07 24.37
C ALA B 104 23.71 1.58 24.33
N ALA B 105 24.83 1.99 23.74
CA ALA B 105 25.17 3.41 23.66
C ALA B 105 24.08 4.28 23.06
N GLY B 106 23.17 3.67 22.30
CA GLY B 106 22.11 4.44 21.68
C GLY B 106 20.89 4.63 22.57
N LEU B 107 20.76 3.80 23.58
CA LEU B 107 19.63 3.85 24.51
C LEU B 107 19.33 5.22 25.14
N LEU B 108 20.24 5.71 25.98
CA LEU B 108 20.02 6.98 26.64
C LEU B 108 19.83 8.18 25.71
N PRO B 109 20.62 8.28 24.63
CA PRO B 109 20.42 9.43 23.75
C PRO B 109 19.05 9.37 23.09
N THR B 110 18.68 8.18 22.64
CA THR B 110 17.38 8.01 21.99
C THR B 110 16.29 8.33 22.99
N LEU B 111 16.48 7.90 24.24
CA LEU B 111 15.49 8.15 25.27
C LEU B 111 15.37 9.65 25.50
N ALA B 112 16.51 10.34 25.47
CA ALA B 112 16.51 11.78 25.69
C ALA B 112 15.65 12.49 24.65
N ALA B 113 15.79 12.06 23.39
CA ALA B 113 15.03 12.66 22.31
C ALA B 113 13.54 12.44 22.53
N ILE B 114 13.18 11.23 22.94
CA ILE B 114 11.80 10.89 23.20
C ILE B 114 11.22 11.79 24.28
N ARG B 115 11.94 11.91 25.40
CA ARG B 115 11.47 12.75 26.50
C ARG B 115 11.36 14.21 26.09
N ALA B 116 12.27 14.66 25.23
CA ALA B 116 12.24 16.04 24.76
C ALA B 116 11.10 16.26 23.76
N GLY B 117 10.33 15.22 23.50
CA GLY B 117 9.21 15.32 22.59
C GLY B 117 9.56 15.44 21.11
N LYS B 118 10.81 15.17 20.78
CA LYS B 118 11.27 15.27 19.40
C LYS B 118 10.64 14.21 18.49
N THR B 119 10.73 14.44 17.19
CA THR B 119 10.25 13.46 16.24
C THR B 119 11.44 12.53 16.04
N ILE B 120 11.28 11.28 16.45
CA ILE B 120 12.34 10.30 16.34
C ILE B 120 12.24 9.41 15.10
N LEU B 121 13.32 9.42 14.33
CA LEU B 121 13.47 8.58 13.15
C LEU B 121 14.22 7.41 13.77
N LEU B 122 13.49 6.37 14.14
CA LEU B 122 14.07 5.21 14.79
C LEU B 122 14.78 4.20 13.89
N ALA B 123 16.11 4.30 13.85
CA ALA B 123 16.95 3.39 13.08
C ALA B 123 17.54 2.38 14.07
N ASN B 124 17.69 2.84 15.29
CA ASN B 124 18.23 2.06 16.40
C ASN B 124 17.17 1.03 16.82
N LYS B 125 16.67 0.29 15.83
CA LYS B 125 15.61 -0.70 16.08
C LYS B 125 15.86 -1.69 17.22
N GLU B 126 17.10 -1.85 17.64
CA GLU B 126 17.40 -2.78 18.72
C GLU B 126 17.00 -2.25 20.10
N SER B 127 16.68 -0.96 20.18
CA SER B 127 16.30 -0.37 21.46
C SER B 127 14.88 -0.74 21.88
N LEU B 128 14.07 -1.22 20.95
CA LEU B 128 12.71 -1.63 21.28
C LEU B 128 12.78 -3.06 21.77
N VAL B 129 13.76 -3.80 21.26
CA VAL B 129 13.98 -5.18 21.64
C VAL B 129 14.30 -5.27 23.12
N THR B 130 15.00 -4.27 23.65
CA THR B 130 15.39 -4.29 25.06
C THR B 130 14.59 -3.38 25.98
N CYS B 131 14.11 -2.26 25.46
CA CYS B 131 13.35 -1.33 26.29
C CYS B 131 11.99 -1.01 25.67
N GLY B 132 11.41 -2.00 24.97
CA GLY B 132 10.13 -1.81 24.32
C GLY B 132 9.13 -1.09 25.21
N ARG B 133 8.96 -1.61 26.41
CA ARG B 133 8.04 -1.05 27.40
C ARG B 133 8.40 0.39 27.77
N LEU B 134 9.61 0.56 28.29
CA LEU B 134 10.11 1.86 28.70
C LEU B 134 9.93 2.87 27.59
N PHE B 135 10.43 2.53 26.40
CA PHE B 135 10.34 3.43 25.27
C PHE B 135 8.92 3.78 24.86
N MET B 136 8.06 2.77 24.66
CA MET B 136 6.70 3.09 24.27
C MET B 136 6.03 3.94 25.35
N ASP B 137 6.30 3.63 26.61
CA ASP B 137 5.72 4.40 27.71
C ASP B 137 6.15 5.85 27.59
N ALA B 138 7.46 6.06 27.45
CA ALA B 138 7.98 7.42 27.34
C ALA B 138 7.43 8.15 26.11
N VAL B 139 7.25 7.41 25.02
CA VAL B 139 6.74 8.01 23.79
C VAL B 139 5.33 8.56 23.97
N LYS B 140 4.50 7.81 24.69
CA LYS B 140 3.14 8.24 24.91
C LYS B 140 3.07 9.41 25.87
N GLN B 141 3.88 9.36 26.93
CA GLN B 141 3.91 10.40 27.94
C GLN B 141 4.47 11.72 27.41
N SER B 142 4.97 11.73 26.18
CA SER B 142 5.53 12.97 25.61
C SER B 142 4.96 13.27 24.24
N LYS B 143 4.23 12.31 23.70
CA LYS B 143 3.62 12.45 22.37
C LYS B 143 4.67 12.61 21.28
N ALA B 144 5.89 12.16 21.57
CA ALA B 144 6.97 12.23 20.59
C ALA B 144 6.54 11.30 19.45
N GLN B 145 6.68 11.78 18.22
CA GLN B 145 6.30 11.00 17.05
C GLN B 145 7.40 10.03 16.63
N LEU B 146 7.09 8.74 16.63
CA LEU B 146 8.06 7.73 16.22
C LEU B 146 7.88 7.39 14.76
N LEU B 147 8.98 7.41 14.02
CA LEU B 147 8.96 7.07 12.61
C LEU B 147 10.04 6.03 12.36
N PRO B 148 9.62 4.75 12.22
CA PRO B 148 10.57 3.67 11.99
C PRO B 148 11.28 3.75 10.66
N VAL B 149 12.62 3.69 10.72
CA VAL B 149 13.48 3.76 9.55
C VAL B 149 13.74 2.38 9.00
N ASP B 150 13.68 1.39 9.86
CA ASP B 150 13.86 0.00 9.45
C ASP B 150 12.95 -0.21 8.23
N SER B 151 13.48 -0.86 7.20
CA SER B 151 12.75 -1.10 5.97
C SER B 151 11.40 -1.83 6.15
N GLU B 152 11.38 -2.84 7.02
CA GLU B 152 10.17 -3.61 7.27
C GLU B 152 9.11 -2.81 8.02
N HIS B 153 9.54 -2.21 9.13
CA HIS B 153 8.65 -1.42 9.96
C HIS B 153 8.17 -0.18 9.23
N ASN B 154 9.03 0.39 8.37
CA ASN B 154 8.66 1.58 7.61
C ASN B 154 7.61 1.19 6.60
N ALA B 155 7.77 -0.01 6.02
CA ALA B 155 6.82 -0.49 5.02
C ALA B 155 5.44 -0.66 5.65
N ILE B 156 5.44 -1.18 6.87
CA ILE B 156 4.21 -1.39 7.62
C ILE B 156 3.64 -0.03 7.98
N PHE B 157 4.51 0.88 8.43
CA PHE B 157 4.07 2.21 8.78
C PHE B 157 3.29 2.82 7.61
N GLN B 158 3.93 2.82 6.43
CA GLN B 158 3.30 3.39 5.25
C GLN B 158 1.99 2.70 4.85
N SER B 159 1.83 1.46 5.27
CA SER B 159 0.64 0.69 4.92
C SER B 159 -0.45 0.78 5.98
N LEU B 160 -0.16 1.49 7.05
CA LEU B 160 -1.09 1.65 8.16
C LEU B 160 -1.94 2.90 7.96
N PRO B 161 -3.15 2.93 8.55
CA PRO B 161 -4.00 4.11 8.41
C PRO B 161 -3.41 5.30 9.17
N GLN B 162 -3.75 6.51 8.74
CA GLN B 162 -3.24 7.73 9.35
C GLN B 162 -3.41 7.84 10.86
N PRO B 163 -4.61 7.53 11.39
CA PRO B 163 -4.81 7.62 12.84
C PRO B 163 -3.79 6.82 13.64
N ILE B 164 -3.30 5.72 13.07
CA ILE B 164 -2.29 4.90 13.74
C ILE B 164 -0.90 5.51 13.54
N GLN B 165 -0.64 6.02 12.33
CA GLN B 165 0.64 6.63 12.03
C GLN B 165 0.88 7.72 13.08
N HIS B 166 -0.17 8.46 13.41
CA HIS B 166 -0.07 9.45 14.46
C HIS B 166 -0.42 8.59 15.67
N ASN B 167 0.02 8.96 16.86
CA ASN B 167 -0.28 8.14 18.02
C ASN B 167 0.28 6.74 17.84
N LEU B 168 1.42 6.63 17.16
CA LEU B 168 2.04 5.34 16.92
C LEU B 168 2.60 4.72 18.18
N GLY B 169 2.15 3.52 18.51
CA GLY B 169 2.65 2.84 19.69
C GLY B 169 1.62 2.59 20.77
N TYR B 170 0.56 3.39 20.75
CA TYR B 170 -0.51 3.26 21.73
C TYR B 170 -1.87 3.30 21.05
N ALA B 171 -1.88 3.33 19.72
CA ALA B 171 -3.14 3.36 18.97
C ALA B 171 -3.70 1.94 18.87
N ASP B 172 -5.02 1.83 18.75
CA ASP B 172 -5.70 0.55 18.67
C ASP B 172 -5.79 0.02 17.24
N LEU B 173 -5.07 -1.06 16.95
CA LEU B 173 -5.08 -1.66 15.60
C LEU B 173 -6.50 -2.08 15.15
N GLU B 174 -7.11 -2.98 15.92
CA GLU B 174 -8.43 -3.48 15.58
C GLU B 174 -9.45 -2.35 15.42
N GLN B 175 -9.37 -1.35 16.28
CA GLN B 175 -10.30 -0.23 16.23
C GLN B 175 -10.17 0.56 14.92
N ASN B 176 -9.06 0.38 14.21
CA ASN B 176 -8.85 1.07 12.95
C ASN B 176 -8.94 0.15 11.74
N GLY B 177 -9.64 -0.97 11.90
CA GLY B 177 -9.82 -1.90 10.80
C GLY B 177 -8.65 -2.76 10.39
N VAL B 178 -7.63 -2.84 11.23
CA VAL B 178 -6.45 -3.65 10.93
C VAL B 178 -6.55 -5.05 11.54
N VAL B 179 -6.42 -6.06 10.70
CA VAL B 179 -6.47 -7.46 11.13
C VAL B 179 -5.10 -7.92 11.60
N SER B 180 -4.09 -7.71 10.76
CA SER B 180 -2.75 -8.14 11.11
C SER B 180 -1.65 -7.39 10.37
N ILE B 181 -0.43 -7.56 10.86
CA ILE B 181 0.76 -6.96 10.29
C ILE B 181 1.59 -8.07 9.66
N LEU B 182 1.88 -7.92 8.38
CA LEU B 182 2.64 -8.93 7.64
C LEU B 182 4.11 -8.53 7.47
N LEU B 183 4.96 -9.17 8.26
CA LEU B 183 6.39 -8.93 8.26
C LEU B 183 7.06 -9.91 7.30
N THR B 184 7.77 -9.38 6.30
CA THR B 184 8.40 -10.23 5.30
C THR B 184 9.92 -10.32 5.38
N GLY B 185 10.44 -11.48 4.97
CA GLY B 185 11.87 -11.73 4.97
C GLY B 185 12.24 -12.63 3.81
N SER B 186 13.49 -12.58 3.38
CA SER B 186 13.94 -13.38 2.25
C SER B 186 14.10 -14.86 2.60
N GLY B 187 14.37 -15.17 3.86
CA GLY B 187 14.57 -16.55 4.25
C GLY B 187 16.06 -16.87 4.25
N GLY B 188 16.85 -15.89 3.81
CA GLY B 188 18.29 -16.06 3.78
C GLY B 188 18.81 -16.91 2.64
N PRO B 189 20.11 -17.19 2.65
CA PRO B 189 20.77 -18.01 1.61
C PRO B 189 20.47 -19.50 1.73
N PHE B 190 20.13 -19.94 2.94
CA PHE B 190 19.86 -21.36 3.21
C PHE B 190 18.38 -21.70 3.15
N ARG B 191 17.64 -20.94 2.36
CA ARG B 191 16.21 -21.18 2.24
C ARG B 191 15.89 -22.58 1.73
N GLU B 192 16.58 -23.01 0.68
CA GLU B 192 16.32 -24.33 0.11
C GLU B 192 17.34 -25.41 0.42
N THR B 193 18.31 -25.09 1.27
CA THR B 193 19.34 -26.05 1.66
C THR B 193 18.75 -27.19 2.48
N PRO B 194 19.19 -28.44 2.25
CA PRO B 194 18.67 -29.58 3.01
C PRO B 194 18.99 -29.39 4.48
N LEU B 195 18.01 -29.57 5.36
CA LEU B 195 18.24 -29.38 6.79
C LEU B 195 19.51 -30.05 7.30
N ARG B 196 19.82 -31.20 6.72
CA ARG B 196 21.00 -32.01 7.06
C ARG B 196 22.31 -31.26 6.88
N ASP B 197 22.33 -30.31 5.95
CA ASP B 197 23.54 -29.54 5.67
C ASP B 197 23.67 -28.22 6.42
N LEU B 198 22.64 -27.83 7.16
CA LEU B 198 22.73 -26.57 7.87
C LEU B 198 23.89 -26.56 8.86
N ALA B 199 24.12 -27.70 9.50
CA ALA B 199 25.19 -27.84 10.48
C ALA B 199 26.59 -27.65 9.90
N THR B 200 26.73 -27.83 8.59
CA THR B 200 28.05 -27.69 7.97
C THR B 200 28.24 -26.39 7.19
N MET B 201 27.21 -25.54 7.15
CA MET B 201 27.34 -24.28 6.43
C MET B 201 28.49 -23.44 6.98
N THR B 202 29.23 -22.78 6.09
CA THR B 202 30.37 -21.96 6.46
C THR B 202 30.04 -20.47 6.61
N PRO B 203 30.89 -19.71 7.33
CA PRO B 203 30.65 -18.27 7.50
C PRO B 203 30.52 -17.54 6.17
N ASP B 204 31.36 -17.88 5.20
CA ASP B 204 31.30 -17.22 3.91
C ASP B 204 30.00 -17.53 3.18
N GLN B 205 29.51 -18.75 3.33
CA GLN B 205 28.27 -19.14 2.68
C GLN B 205 27.09 -18.44 3.34
N ALA B 206 27.11 -18.39 4.67
CA ALA B 206 26.03 -17.75 5.43
C ALA B 206 26.00 -16.25 5.18
N CYS B 207 27.14 -15.69 4.78
CA CYS B 207 27.24 -14.26 4.52
C CYS B 207 26.88 -13.84 3.11
N ARG B 208 26.45 -14.80 2.30
CA ARG B 208 26.03 -14.44 0.95
C ARG B 208 24.54 -14.11 1.05
N HIS B 209 24.25 -12.82 1.26
CA HIS B 209 22.86 -12.37 1.36
C HIS B 209 22.18 -12.54 0.01
N PRO B 210 21.00 -13.20 0.00
CA PRO B 210 20.21 -13.47 -1.21
C PRO B 210 20.10 -12.34 -2.24
N ASN B 211 19.72 -11.13 -1.82
CA ASN B 211 19.57 -10.04 -2.77
C ASN B 211 20.68 -9.00 -2.71
N TRP B 212 20.58 -8.07 -1.76
CA TRP B 212 21.59 -7.03 -1.61
C TRP B 212 22.70 -7.46 -0.65
N SER B 213 23.80 -6.72 -0.67
CA SER B 213 24.95 -7.02 0.20
C SER B 213 24.92 -6.21 1.49
N MET B 214 25.38 -6.82 2.58
CA MET B 214 25.42 -6.15 3.88
C MET B 214 26.44 -6.79 4.83
N GLY B 215 26.53 -6.24 6.05
CA GLY B 215 27.46 -6.74 7.05
C GLY B 215 27.37 -8.23 7.33
N ARG B 216 28.45 -8.80 7.87
CA ARG B 216 28.51 -10.22 8.16
C ARG B 216 27.55 -10.66 9.28
N LYS B 217 27.51 -9.90 10.36
CA LYS B 217 26.64 -10.21 11.49
C LYS B 217 25.16 -10.17 11.08
N ILE B 218 24.77 -9.09 10.40
CA ILE B 218 23.39 -8.95 9.96
C ILE B 218 23.05 -9.91 8.83
N SER B 219 24.06 -10.41 8.13
CA SER B 219 23.82 -11.37 7.06
C SER B 219 23.48 -12.70 7.71
N VAL B 220 24.23 -13.07 8.75
CA VAL B 220 24.03 -14.32 9.49
C VAL B 220 22.64 -14.30 10.15
N ASP B 221 22.25 -13.13 10.66
CA ASP B 221 20.94 -12.97 11.28
C ASP B 221 19.84 -13.19 10.24
N SER B 222 20.15 -12.88 8.98
CA SER B 222 19.20 -13.04 7.89
C SER B 222 19.12 -14.52 7.49
N ALA B 223 20.21 -15.24 7.71
CA ALA B 223 20.29 -16.66 7.39
C ALA B 223 19.57 -17.52 8.44
N THR B 224 19.54 -17.02 9.67
CA THR B 224 18.88 -17.75 10.76
C THR B 224 17.50 -17.18 10.97
N MET B 225 17.24 -16.07 10.28
CA MET B 225 15.98 -15.34 10.38
C MET B 225 15.79 -14.73 11.78
N MET B 226 16.89 -14.60 12.52
CA MET B 226 16.85 -14.00 13.84
C MET B 226 16.48 -12.51 13.61
N ASN B 227 16.92 -11.96 12.48
CA ASN B 227 16.62 -10.57 12.19
C ASN B 227 15.11 -10.42 12.14
N LYS B 228 14.44 -11.38 11.54
CA LYS B 228 12.99 -11.33 11.46
C LYS B 228 12.39 -11.51 12.86
N GLY B 229 13.09 -12.28 13.71
CA GLY B 229 12.61 -12.48 15.06
C GLY B 229 12.71 -11.19 15.84
N LEU B 230 13.84 -10.51 15.72
CA LEU B 230 14.01 -9.24 16.43
C LEU B 230 13.01 -8.22 15.89
N GLU B 231 12.81 -8.24 14.58
CA GLU B 231 11.86 -7.31 13.96
C GLU B 231 10.44 -7.61 14.42
N TYR B 232 10.15 -8.88 14.67
CA TYR B 232 8.85 -9.31 15.17
C TYR B 232 8.63 -8.66 16.53
N ILE B 233 9.62 -8.80 17.41
CA ILE B 233 9.58 -8.22 18.74
C ILE B 233 9.34 -6.72 18.66
N GLU B 234 10.15 -6.04 17.85
CA GLU B 234 10.02 -4.59 17.68
C GLU B 234 8.65 -4.18 17.18
N ALA B 235 8.15 -4.89 16.17
CA ALA B 235 6.85 -4.59 15.59
C ALA B 235 5.74 -4.67 16.62
N ARG B 236 5.78 -5.70 17.47
CA ARG B 236 4.77 -5.85 18.50
C ARG B 236 4.71 -4.59 19.37
N TRP B 237 5.88 -4.10 19.79
CA TRP B 237 5.93 -2.88 20.61
C TRP B 237 5.53 -1.65 19.82
N LEU B 238 6.10 -1.53 18.64
CA LEU B 238 5.87 -0.39 17.77
C LEU B 238 4.43 -0.19 17.31
N PHE B 239 3.75 -1.26 16.94
CA PHE B 239 2.39 -1.15 16.46
C PHE B 239 1.33 -1.68 17.41
N ASN B 240 1.74 -1.89 18.67
CA ASN B 240 0.83 -2.36 19.71
C ASN B 240 0.03 -3.55 19.18
N ALA B 241 0.75 -4.56 18.70
CA ALA B 241 0.12 -5.74 18.13
C ALA B 241 0.27 -7.01 18.97
N SER B 242 -0.80 -7.81 19.01
CA SER B 242 -0.79 -9.05 19.76
C SER B 242 -0.17 -10.13 18.89
N ALA B 243 -0.02 -11.34 19.44
CA ALA B 243 0.59 -12.43 18.70
C ALA B 243 -0.25 -12.82 17.48
N SER B 244 -1.57 -12.78 17.64
CA SER B 244 -2.49 -13.16 16.58
C SER B 244 -2.65 -12.08 15.50
N GLN B 245 -2.06 -10.91 15.76
CA GLN B 245 -2.11 -9.79 14.84
C GLN B 245 -0.79 -9.68 14.07
N MET B 246 0.07 -10.68 14.25
CA MET B 246 1.37 -10.72 13.60
C MET B 246 1.48 -11.96 12.72
N GLU B 247 2.06 -11.78 11.54
CA GLU B 247 2.27 -12.89 10.61
C GLU B 247 3.66 -12.71 10.04
N VAL B 248 4.37 -13.81 9.83
CA VAL B 248 5.70 -13.73 9.24
C VAL B 248 5.61 -14.51 7.93
N LEU B 249 6.14 -13.92 6.87
CA LEU B 249 6.06 -14.54 5.56
C LEU B 249 7.36 -14.41 4.80
N ILE B 250 7.83 -15.54 4.27
CA ILE B 250 9.06 -15.54 3.49
C ILE B 250 8.70 -15.09 2.09
N HIS B 251 9.46 -14.14 1.57
CA HIS B 251 9.27 -13.58 0.24
C HIS B 251 10.69 -13.35 -0.27
N PRO B 252 11.27 -14.39 -0.89
CA PRO B 252 12.64 -14.42 -1.44
C PRO B 252 13.14 -13.23 -2.22
N GLN B 253 12.29 -12.64 -3.04
CA GLN B 253 12.73 -11.52 -3.86
C GLN B 253 12.89 -10.21 -3.08
N SER B 254 12.26 -10.11 -1.92
CA SER B 254 12.33 -8.90 -1.13
C SER B 254 11.92 -7.65 -1.91
N VAL B 255 10.98 -7.79 -2.84
CA VAL B 255 10.52 -6.62 -3.58
C VAL B 255 9.49 -5.95 -2.66
N ILE B 256 8.63 -6.75 -2.05
CA ILE B 256 7.65 -6.23 -1.10
C ILE B 256 8.42 -6.13 0.21
N HIS B 257 8.26 -5.03 0.93
CA HIS B 257 8.99 -4.88 2.19
C HIS B 257 8.25 -5.29 3.45
N SER B 258 6.92 -5.39 3.34
CA SER B 258 6.03 -5.82 4.42
C SER B 258 4.61 -5.36 4.10
N MET B 259 3.63 -5.89 4.80
CA MET B 259 2.25 -5.53 4.48
C MET B 259 1.33 -5.35 5.68
N VAL B 260 0.10 -4.95 5.39
CA VAL B 260 -0.92 -4.78 6.41
C VAL B 260 -2.24 -5.30 5.85
N ARG B 261 -2.86 -6.19 6.60
CA ARG B 261 -4.12 -6.81 6.21
C ARG B 261 -5.23 -6.05 6.93
N TYR B 262 -6.31 -5.76 6.21
CA TYR B 262 -7.44 -5.01 6.79
C TYR B 262 -8.73 -5.81 6.88
N GLN B 263 -9.62 -5.31 7.74
CA GLN B 263 -10.92 -5.91 8.01
C GLN B 263 -11.74 -6.32 6.79
N ASP B 264 -11.71 -5.51 5.74
CA ASP B 264 -12.49 -5.81 4.54
C ASP B 264 -11.81 -6.74 3.53
N GLY B 265 -10.65 -7.28 3.88
CA GLY B 265 -9.94 -8.17 2.97
C GLY B 265 -8.75 -7.49 2.30
N SER B 266 -8.77 -6.16 2.23
CA SER B 266 -7.67 -5.40 1.60
C SER B 266 -6.33 -5.68 2.26
N VAL B 267 -5.28 -5.70 1.45
CA VAL B 267 -3.93 -5.85 1.94
C VAL B 267 -3.14 -4.73 1.30
N LEU B 268 -2.56 -3.86 2.12
CA LEU B 268 -1.76 -2.76 1.60
C LEU B 268 -0.31 -3.11 1.78
N ALA B 269 0.48 -2.85 0.75
CA ALA B 269 1.90 -3.17 0.79
C ALA B 269 2.76 -2.04 0.26
N GLN B 270 4.01 -2.03 0.68
CA GLN B 270 4.98 -1.05 0.22
C GLN B 270 6.04 -1.86 -0.51
N LEU B 271 6.40 -1.41 -1.70
CA LEU B 271 7.40 -2.09 -2.53
C LEU B 271 8.50 -1.09 -2.93
N GLY B 272 9.67 -1.62 -3.29
CA GLY B 272 10.73 -0.73 -3.69
C GLY B 272 12.09 -1.38 -3.74
N GLU B 273 13.05 -0.59 -4.22
CA GLU B 273 14.45 -1.01 -4.35
C GLU B 273 15.04 -1.21 -2.97
N PRO B 274 16.13 -1.99 -2.88
CA PRO B 274 16.82 -2.26 -1.62
C PRO B 274 17.79 -1.14 -1.28
N ASP B 275 17.25 0.05 -1.04
CA ASP B 275 18.07 1.22 -0.73
C ASP B 275 17.46 1.93 0.46
N MET B 276 18.20 1.97 1.57
CA MET B 276 17.73 2.61 2.79
C MET B 276 17.34 4.08 2.65
N ARG B 277 17.81 4.73 1.60
CA ARG B 277 17.48 6.13 1.42
C ARG B 277 15.97 6.32 1.31
N THR B 278 15.28 5.32 0.77
CA THR B 278 13.83 5.42 0.61
C THR B 278 13.09 5.52 1.95
N PRO B 279 13.29 4.55 2.86
CA PRO B 279 12.56 4.68 4.14
C PRO B 279 13.04 5.87 4.96
N ILE B 280 14.34 6.17 4.85
CA ILE B 280 14.92 7.32 5.55
C ILE B 280 14.25 8.59 5.07
N ALA B 281 14.19 8.77 3.75
CA ALA B 281 13.57 9.96 3.16
C ALA B 281 12.08 9.99 3.51
N HIS B 282 11.44 8.82 3.58
CA HIS B 282 10.03 8.79 3.94
C HIS B 282 9.83 9.40 5.34
N THR B 283 10.63 8.95 6.31
CA THR B 283 10.48 9.48 7.66
C THR B 283 10.84 10.96 7.76
N MET B 284 11.97 11.35 7.17
CA MET B 284 12.38 12.75 7.23
C MET B 284 11.34 13.70 6.67
N ALA B 285 10.66 13.29 5.60
CA ALA B 285 9.66 14.14 4.96
C ALA B 285 8.24 14.01 5.47
N TRP B 286 7.92 12.90 6.13
CA TRP B 286 6.57 12.67 6.65
C TRP B 286 5.93 13.91 7.27
N PRO B 287 4.62 14.11 7.03
CA PRO B 287 3.69 13.30 6.23
C PRO B 287 3.78 13.53 4.73
N ASN B 288 4.84 14.20 4.29
CA ASN B 288 5.00 14.46 2.86
C ASN B 288 6.12 13.58 2.26
N ARG B 289 6.55 13.90 1.05
CA ARG B 289 7.61 13.13 0.40
C ARG B 289 8.67 14.06 -0.20
N VAL B 290 9.87 13.53 -0.43
CA VAL B 290 10.98 14.30 -1.02
C VAL B 290 11.81 13.34 -1.86
N ASN B 291 12.62 13.88 -2.76
CA ASN B 291 13.47 13.03 -3.61
C ASN B 291 14.53 12.39 -2.73
N SER B 292 14.78 11.10 -2.95
CA SER B 292 15.74 10.36 -2.15
C SER B 292 16.98 9.94 -2.89
N GLY B 293 16.94 10.01 -4.22
CA GLY B 293 18.09 9.60 -5.01
C GLY B 293 17.97 8.14 -5.40
N VAL B 294 16.88 7.50 -4.99
CA VAL B 294 16.65 6.09 -5.31
C VAL B 294 15.95 5.97 -6.66
N LYS B 295 16.49 5.11 -7.52
CA LYS B 295 15.91 4.87 -8.84
C LYS B 295 14.52 4.24 -8.73
N PRO B 296 13.61 4.60 -9.64
CA PRO B 296 12.25 4.04 -9.61
C PRO B 296 12.25 2.55 -9.95
N LEU B 297 11.67 1.75 -9.06
CA LEU B 297 11.58 0.30 -9.24
C LEU B 297 10.98 -0.03 -10.61
N ASP B 298 11.67 -0.88 -11.37
CA ASP B 298 11.21 -1.26 -12.69
C ASP B 298 10.53 -2.63 -12.65
N PHE B 299 9.20 -2.63 -12.68
CA PHE B 299 8.43 -3.87 -12.62
C PHE B 299 8.67 -4.83 -13.78
N CYS B 300 9.24 -4.33 -14.88
CA CYS B 300 9.52 -5.18 -16.02
C CYS B 300 10.84 -5.91 -15.90
N LYS B 301 11.61 -5.64 -14.85
CA LYS B 301 12.91 -6.29 -14.66
C LYS B 301 12.99 -7.03 -13.32
N LEU B 302 11.86 -7.58 -12.88
CA LEU B 302 11.79 -8.28 -11.60
C LEU B 302 11.71 -9.77 -11.75
N SER B 303 12.09 -10.48 -10.70
CA SER B 303 11.98 -11.93 -10.69
C SER B 303 10.54 -12.14 -10.24
N ALA B 304 9.94 -13.25 -10.64
CA ALA B 304 8.56 -13.52 -10.24
C ALA B 304 8.50 -13.46 -8.70
N LEU B 305 7.48 -12.82 -8.16
CA LEU B 305 7.36 -12.70 -6.69
C LEU B 305 6.65 -13.90 -6.07
N THR B 306 7.30 -14.53 -5.10
CA THR B 306 6.73 -15.70 -4.43
C THR B 306 6.64 -15.54 -2.92
N PHE B 307 5.91 -16.43 -2.28
CA PHE B 307 5.72 -16.37 -0.82
C PHE B 307 5.68 -17.78 -0.25
N ALA B 308 6.00 -17.90 1.03
CA ALA B 308 6.00 -19.21 1.68
C ALA B 308 5.96 -19.03 3.19
N ALA B 309 5.38 -20.01 3.88
CA ALA B 309 5.30 -19.97 5.34
C ALA B 309 6.65 -20.40 5.90
N PRO B 310 7.13 -19.71 6.96
CA PRO B 310 8.41 -20.02 7.59
C PRO B 310 8.40 -21.38 8.29
N ASP B 311 9.33 -22.23 7.93
CA ASP B 311 9.45 -23.54 8.55
C ASP B 311 10.28 -23.35 9.82
N TYR B 312 9.68 -23.57 10.99
CA TYR B 312 10.41 -23.40 12.26
C TYR B 312 11.58 -24.38 12.48
N ASP B 313 11.52 -25.56 11.89
CA ASP B 313 12.61 -26.51 12.06
C ASP B 313 13.82 -25.98 11.30
N ARG B 314 13.57 -25.10 10.34
CA ARG B 314 14.62 -24.50 9.55
C ARG B 314 15.06 -23.17 10.16
N TYR B 315 14.15 -22.53 10.89
CA TYR B 315 14.44 -21.24 11.52
C TYR B 315 14.09 -21.22 13.00
N PRO B 316 14.71 -22.10 13.79
CA PRO B 316 14.43 -22.14 15.23
C PRO B 316 14.56 -20.79 15.93
N CYS B 317 15.47 -19.95 15.42
CA CYS B 317 15.68 -18.62 16.00
C CYS B 317 14.43 -17.76 15.91
N LEU B 318 13.66 -17.94 14.83
CA LEU B 318 12.44 -17.18 14.62
C LEU B 318 11.38 -17.55 15.66
N LYS B 319 11.27 -18.84 15.97
CA LYS B 319 10.32 -19.31 16.96
C LYS B 319 10.84 -18.87 18.32
N LEU B 320 12.14 -18.99 18.51
CA LEU B 320 12.76 -18.60 19.77
C LEU B 320 12.43 -17.13 20.10
N ALA B 321 12.50 -16.25 19.11
CA ALA B 321 12.23 -14.83 19.31
C ALA B 321 10.77 -14.57 19.66
N MET B 322 9.85 -15.25 18.97
CA MET B 322 8.43 -15.11 19.25
C MET B 322 8.15 -15.56 20.70
N GLU B 323 8.67 -16.73 21.07
CA GLU B 323 8.47 -17.25 22.43
C GLU B 323 9.02 -16.32 23.49
N ALA B 324 10.16 -15.70 23.19
CA ALA B 324 10.79 -14.80 24.16
C ALA B 324 9.97 -13.54 24.41
N PHE B 325 9.32 -13.02 23.36
CA PHE B 325 8.52 -11.82 23.54
C PHE B 325 7.48 -12.03 24.62
N GLU B 326 6.79 -13.17 24.55
CA GLU B 326 5.75 -13.48 25.51
C GLU B 326 6.31 -13.69 26.92
N GLN B 327 7.62 -13.86 27.03
CA GLN B 327 8.26 -14.07 28.31
C GLN B 327 8.63 -12.77 29.02
N GLY B 328 8.90 -11.71 28.25
CA GLY B 328 9.25 -10.45 28.87
C GLY B 328 10.46 -9.74 28.26
N GLN B 329 10.66 -8.49 28.65
CA GLN B 329 11.78 -7.72 28.15
C GLN B 329 13.12 -8.32 28.55
N ALA B 330 13.17 -8.96 29.71
CA ALA B 330 14.41 -9.59 30.16
C ALA B 330 14.79 -10.66 29.15
N ALA B 331 13.81 -11.47 28.76
CA ALA B 331 14.03 -12.53 27.79
C ALA B 331 14.48 -11.99 26.41
N THR B 332 13.81 -10.97 25.91
CA THR B 332 14.20 -10.44 24.61
C THR B 332 15.59 -9.83 24.62
N THR B 333 15.92 -9.02 25.62
CA THR B 333 17.27 -8.41 25.64
C THR B 333 18.31 -9.51 25.81
N ALA B 334 17.96 -10.55 26.56
CA ALA B 334 18.89 -11.67 26.76
C ALA B 334 19.10 -12.41 25.44
N LEU B 335 18.01 -12.59 24.69
CA LEU B 335 18.11 -13.29 23.42
C LEU B 335 19.01 -12.47 22.51
N ASN B 336 18.77 -11.15 22.48
CA ASN B 336 19.58 -10.28 21.64
C ASN B 336 21.05 -10.38 22.02
N ALA B 337 21.32 -10.30 23.32
CA ALA B 337 22.70 -10.37 23.82
C ALA B 337 23.38 -11.67 23.40
N ALA B 338 22.72 -12.79 23.69
CA ALA B 338 23.25 -14.10 23.36
C ALA B 338 23.54 -14.24 21.87
N ASN B 339 22.58 -13.83 21.03
CA ASN B 339 22.75 -13.93 19.59
C ASN B 339 24.00 -13.15 19.15
N GLU B 340 24.28 -12.08 19.87
CA GLU B 340 25.44 -11.26 19.56
C GLU B 340 26.70 -12.10 19.76
N ILE B 341 26.74 -12.85 20.87
CA ILE B 341 27.90 -13.67 21.16
C ILE B 341 28.02 -14.87 20.24
N THR B 342 26.94 -15.64 20.11
CA THR B 342 26.95 -16.84 19.28
C THR B 342 27.22 -16.59 17.79
N VAL B 343 26.72 -15.48 17.26
CA VAL B 343 26.95 -15.19 15.85
C VAL B 343 28.42 -14.83 15.65
N ALA B 344 28.96 -13.98 16.52
CA ALA B 344 30.36 -13.58 16.42
C ALA B 344 31.22 -14.84 16.53
N ALA B 345 30.78 -15.75 17.40
CA ALA B 345 31.48 -17.01 17.62
C ALA B 345 31.45 -17.87 16.34
N PHE B 346 30.30 -17.89 15.67
CA PHE B 346 30.15 -18.65 14.43
C PHE B 346 31.04 -18.05 13.36
N LEU B 347 31.06 -16.72 13.31
CA LEU B 347 31.87 -16.04 12.31
C LEU B 347 33.36 -16.27 12.59
N ALA B 348 33.70 -16.41 13.87
CA ALA B 348 35.09 -16.64 14.26
C ALA B 348 35.43 -18.11 14.07
N GLN B 349 34.45 -18.87 13.61
CA GLN B 349 34.60 -20.30 13.39
C GLN B 349 34.80 -21.10 14.67
N GLN B 350 34.17 -20.64 15.76
CA GLN B 350 34.26 -21.33 17.04
C GLN B 350 33.11 -22.32 17.21
N ILE B 351 32.00 -22.06 16.52
CA ILE B 351 30.83 -22.93 16.60
C ILE B 351 30.19 -23.09 15.23
N ARG B 352 29.35 -24.11 15.09
CA ARG B 352 28.66 -24.40 13.84
C ARG B 352 27.46 -23.49 13.64
N PHE B 353 27.10 -23.26 12.37
CA PHE B 353 25.97 -22.41 12.04
C PHE B 353 24.75 -22.76 12.86
N THR B 354 24.52 -24.05 13.03
CA THR B 354 23.37 -24.54 13.79
C THR B 354 23.50 -24.34 15.29
N ASP B 355 24.72 -24.16 15.79
CA ASP B 355 24.94 -23.96 17.22
C ASP B 355 24.40 -22.60 17.69
N ILE B 356 24.19 -21.68 16.75
CA ILE B 356 23.66 -20.36 17.05
C ILE B 356 22.32 -20.46 17.75
N ALA B 357 21.37 -21.11 17.09
CA ALA B 357 20.04 -21.27 17.67
C ALA B 357 20.03 -22.04 18.99
N ALA B 358 20.71 -23.18 19.04
CA ALA B 358 20.76 -24.00 20.26
C ALA B 358 21.36 -23.24 21.43
N LEU B 359 22.55 -22.68 21.23
CA LEU B 359 23.20 -21.91 22.28
C LEU B 359 22.31 -20.74 22.71
N ASN B 360 21.68 -20.08 21.73
CA ASN B 360 20.78 -18.96 22.04
C ASN B 360 19.67 -19.46 22.96
N LEU B 361 19.08 -20.60 22.61
CA LEU B 361 18.02 -21.17 23.42
C LEU B 361 18.56 -21.49 24.81
N SER B 362 19.74 -22.10 24.84
CA SER B 362 20.38 -22.49 26.07
C SER B 362 20.53 -21.33 27.04
N VAL B 363 20.99 -20.19 26.53
CA VAL B 363 21.17 -19.00 27.38
C VAL B 363 19.85 -18.54 28.01
N LEU B 364 18.77 -18.57 27.23
CA LEU B 364 17.48 -18.14 27.77
C LEU B 364 17.01 -19.08 28.87
N GLU B 365 17.31 -20.37 28.74
CA GLU B 365 16.89 -21.33 29.75
C GLU B 365 17.56 -21.04 31.09
N LYS B 366 18.82 -20.64 31.04
CA LYS B 366 19.60 -20.34 32.24
C LYS B 366 19.30 -18.97 32.85
N MET B 367 18.93 -18.00 32.03
CA MET B 367 18.65 -16.66 32.53
C MET B 367 17.77 -16.58 33.77
N ASP B 368 16.47 -16.75 33.58
CA ASP B 368 15.52 -16.69 34.69
C ASP B 368 15.64 -15.35 35.44
N MET B 369 15.49 -14.24 34.72
CA MET B 369 15.57 -12.92 35.36
C MET B 369 14.25 -12.16 35.35
N ARG B 370 14.19 -11.13 36.18
CA ARG B 370 13.00 -10.28 36.34
C ARG B 370 13.02 -9.16 35.30
N GLU B 371 11.84 -8.77 34.84
CA GLU B 371 11.73 -7.71 33.85
C GLU B 371 12.28 -6.37 34.36
N PRO B 372 13.22 -5.78 33.59
CA PRO B 372 13.85 -4.50 33.92
C PRO B 372 12.83 -3.39 34.11
N GLN B 373 13.17 -2.41 34.95
CA GLN B 373 12.28 -1.29 35.19
C GLN B 373 12.91 -0.01 34.68
N CYS B 374 14.18 -0.09 34.29
CA CYS B 374 14.89 1.06 33.75
C CYS B 374 16.05 0.60 32.86
N VAL B 375 16.68 1.55 32.18
CA VAL B 375 17.79 1.24 31.28
C VAL B 375 18.93 0.53 32.00
N ASP B 376 19.30 1.05 33.16
CA ASP B 376 20.38 0.45 33.95
C ASP B 376 20.12 -1.02 34.23
N ASP B 377 18.85 -1.39 34.38
CA ASP B 377 18.49 -2.78 34.63
C ASP B 377 18.67 -3.59 33.35
N VAL B 378 18.35 -2.96 32.22
CA VAL B 378 18.48 -3.59 30.92
C VAL B 378 19.95 -3.93 30.67
N LEU B 379 20.82 -2.95 30.91
CA LEU B 379 22.25 -3.15 30.71
C LEU B 379 22.73 -4.33 31.54
N SER B 380 22.16 -4.46 32.74
CA SER B 380 22.52 -5.55 33.65
C SER B 380 22.17 -6.90 33.03
N VAL B 381 20.95 -7.04 32.53
CA VAL B 381 20.51 -8.28 31.91
C VAL B 381 21.38 -8.61 30.69
N ASP B 382 21.60 -7.60 29.85
CA ASP B 382 22.40 -7.75 28.65
C ASP B 382 23.77 -8.33 28.96
N ALA B 383 24.45 -7.71 29.93
CA ALA B 383 25.78 -8.13 30.35
C ALA B 383 25.80 -9.56 30.86
N ASN B 384 24.81 -9.95 31.66
CA ASN B 384 24.77 -11.31 32.17
C ASN B 384 24.52 -12.35 31.09
N ALA B 385 23.72 -11.99 30.09
CA ALA B 385 23.42 -12.90 28.99
C ALA B 385 24.66 -13.14 28.15
N ARG B 386 25.46 -12.10 27.97
CA ARG B 386 26.69 -12.19 27.19
C ARG B 386 27.75 -13.09 27.83
N GLU B 387 27.88 -13.03 29.16
CA GLU B 387 28.85 -13.88 29.82
C GLU B 387 28.40 -15.34 29.74
N VAL B 388 27.10 -15.57 29.94
CA VAL B 388 26.59 -16.92 29.85
C VAL B 388 26.81 -17.44 28.42
N ALA B 389 26.56 -16.57 27.45
CA ALA B 389 26.73 -16.93 26.06
C ALA B 389 28.19 -17.29 25.77
N ARG B 390 29.11 -16.49 26.32
CA ARG B 390 30.54 -16.71 26.15
C ARG B 390 31.04 -17.97 26.82
N LYS B 391 30.42 -18.33 27.94
CA LYS B 391 30.82 -19.54 28.64
C LYS B 391 30.43 -20.76 27.82
N GLU B 392 29.23 -20.73 27.24
CA GLU B 392 28.76 -21.85 26.44
C GLU B 392 29.58 -21.99 25.17
N VAL B 393 29.91 -20.87 24.54
CA VAL B 393 30.74 -20.94 23.35
C VAL B 393 32.06 -21.59 23.74
N MET B 394 32.64 -21.14 24.84
CA MET B 394 33.91 -21.69 25.31
C MET B 394 33.72 -23.13 25.77
N ARG B 395 32.57 -23.40 26.35
CA ARG B 395 32.25 -24.73 26.86
C ARG B 395 32.06 -25.71 25.72
N LEU B 396 31.52 -25.20 24.61
CA LEU B 396 31.27 -26.02 23.43
C LEU B 396 32.54 -26.12 22.60
N ALA B 397 33.29 -25.02 22.55
CA ALA B 397 34.54 -24.97 21.78
C ALA B 397 35.64 -25.83 22.37
N SER B 398 35.76 -25.84 23.70
CA SER B 398 36.80 -26.63 24.36
C SER B 398 36.66 -28.14 24.12
S SO4 C . -8.55 -7.41 -16.26
O1 SO4 C . -7.36 -7.02 -15.48
O2 SO4 C . -8.49 -6.77 -17.57
O3 SO4 C . -8.58 -8.87 -16.42
O4 SO4 C . -9.77 -6.97 -15.55
N1 IMB D . -12.13 -7.34 -10.29
C2 IMB D . -13.13 -6.89 -11.18
C3 IMB D . -14.41 -7.58 -11.13
C4 IMB D . -14.58 -8.65 -10.21
C5 IMB D . -13.56 -9.05 -9.36
C6 IMB D . -12.33 -8.40 -9.40
C9 IMB D . -15.50 -7.22 -12.01
C10 IMB D . -16.73 -7.95 -11.95
C11 IMB D . -16.88 -9.02 -11.03
C12 IMB D . -15.81 -9.37 -10.16
N17 IMB D . -12.76 -5.80 -12.00
C18 IMB D . -13.58 -5.09 -12.98
P20 IMB D . -12.82 -5.07 -14.63
P21 IMB D . -13.86 -3.41 -12.37
O23 IMB D . -14.74 -2.62 -13.38
O25 IMB D . -12.60 -2.73 -12.14
O26 IMB D . -14.51 -3.43 -10.96
O28 IMB D . -13.73 -4.28 -15.61
O30 IMB D . -12.58 -6.41 -15.12
O31 IMB D . -11.40 -4.44 -14.59
S SO4 E . 16.09 -10.34 4.85
O1 SO4 E . 16.32 -11.41 5.82
O2 SO4 E . 14.64 -10.07 4.74
O3 SO4 E . 16.76 -9.12 5.30
O4 SO4 E . 16.63 -10.71 3.53
N1 IMB F . 15.61 -4.17 3.47
C2 IMB F . 16.70 -4.07 4.35
C3 IMB F . 17.90 -3.43 3.85
C4 IMB F . 17.92 -2.94 2.52
C5 IMB F . 16.81 -3.06 1.68
C6 IMB F . 15.65 -3.66 2.16
C9 IMB F . 19.10 -3.31 4.64
C10 IMB F . 20.27 -2.71 4.09
C11 IMB F . 20.26 -2.23 2.75
C12 IMB F . 19.08 -2.33 1.97
N17 IMB F . 16.48 -4.61 5.62
C18 IMB F . 17.39 -4.65 6.76
P20 IMB F . 17.63 -6.35 7.36
P21 IMB F . 16.74 -3.61 8.08
O23 IMB F . 17.71 -3.62 9.29
O25 IMB F . 15.43 -4.05 8.47
O26 IMB F . 16.51 -2.15 7.58
O28 IMB F . 18.59 -6.36 8.57
O30 IMB F . 18.14 -7.19 6.30
O31 IMB F . 16.27 -7.00 7.73
#